data_4DR9
#
_entry.id   4DR9
#
_cell.length_a   43.250
_cell.length_b   65.780
_cell.length_c   68.290
_cell.angle_alpha   80.87
_cell.angle_beta   76.82
_cell.angle_gamma   82.75
#
_symmetry.space_group_name_H-M   'P 1'
#
loop_
_entity.id
_entity.type
_entity.pdbx_description
1 polymer 'Peptide deformylase'
2 non-polymer 'ZINC ION'
3 non-polymer 'BROMIDE ION'
4 non-polymer ACTINONIN
5 water water
#
_entity_poly.entity_id   1
_entity_poly.type   'polypeptide(L)'
_entity_poly.pdbx_seq_one_letter_code
;STAAVAIRVAKKKLAKPPLDLHYLGDRVLRQPAKRVSRIDDELRQTIRQMLQTMYSADGIGLAAPQVGINKQLIVIDLEL
EDEQAPPLVLINPKIERTAGDLEQCQEGCLSIPGVYLDVERPEIVEVSYKDENGRPQRLVADGLLARCIQHEMDHLNGVL
FVDRVENRLELNEALDKKGFAVQAVRPVAAAS
;
_entity_poly.pdbx_strand_id   A,B,C,D
#
# COMPACT_ATOMS: atom_id res chain seq x y z
N THR A 2 37.29 -2.22 -25.47
CA THR A 2 37.72 -3.15 -24.39
C THR A 2 36.87 -2.87 -23.12
N ALA A 3 36.10 -3.83 -22.63
CA ALA A 3 35.27 -3.57 -21.43
C ALA A 3 36.12 -3.16 -20.20
N ALA A 4 35.70 -2.11 -19.51
CA ALA A 4 36.31 -1.67 -18.25
C ALA A 4 35.36 -1.69 -17.03
N VAL A 5 34.08 -1.99 -17.25
CA VAL A 5 33.06 -2.07 -16.20
C VAL A 5 32.77 -3.53 -15.88
N ALA A 6 32.94 -3.92 -14.62
CA ALA A 6 32.69 -5.27 -14.16
C ALA A 6 31.30 -5.30 -13.53
N ILE A 7 30.57 -6.39 -13.78
CA ILE A 7 29.22 -6.61 -13.22
C ILE A 7 29.36 -7.55 -12.00
N ARG A 8 29.50 -6.92 -10.81
CA ARG A 8 29.79 -7.61 -9.54
CA ARG A 8 29.79 -7.60 -9.54
C ARG A 8 28.88 -7.09 -8.44
N VAL A 9 27.57 -7.28 -8.62
CA VAL A 9 26.56 -6.64 -7.80
C VAL A 9 26.13 -7.41 -6.54
N ALA A 10 26.27 -6.73 -5.39
CA ALA A 10 25.79 -7.23 -4.09
C ALA A 10 24.25 -7.22 -4.08
N LYS A 11 23.67 -8.20 -3.37
CA LYS A 11 22.24 -8.29 -3.19
C LYS A 11 21.81 -7.65 -1.88
N LYS A 12 21.24 -6.44 -1.95
CA LYS A 12 21.03 -5.59 -0.75
C LYS A 12 19.73 -4.80 -0.85
N LYS A 13 19.11 -4.48 0.28
CA LYS A 13 18.00 -3.52 0.27
C LYS A 13 18.66 -2.14 0.20
N LEU A 14 18.13 -1.25 -0.63
CA LEU A 14 18.70 0.07 -0.77
C LEU A 14 17.67 1.13 -0.46
N ALA A 15 18.07 2.15 0.29
CA ALA A 15 17.14 3.21 0.69
C ALA A 15 16.59 3.92 -0.55
N LYS A 16 17.45 4.10 -1.56
CA LYS A 16 17.13 4.84 -2.78
C LYS A 16 17.70 4.02 -3.95
N PRO A 17 16.84 3.20 -4.56
CA PRO A 17 17.29 2.38 -5.68
C PRO A 17 17.71 3.24 -6.87
N PRO A 18 18.72 2.81 -7.63
CA PRO A 18 19.21 3.71 -8.65
C PRO A 18 18.28 3.96 -9.80
N LEU A 19 17.41 3.02 -10.11
CA LEU A 19 16.46 3.20 -11.21
C LEU A 19 15.03 3.18 -10.64
N ASP A 20 14.08 3.87 -11.29
CA ASP A 20 12.70 3.94 -10.78
C ASP A 20 11.75 3.03 -11.53
N LEU A 21 11.01 2.21 -10.79
CA LEU A 21 9.98 1.35 -11.37
C LEU A 21 8.82 2.15 -11.91
N HIS A 22 8.20 1.61 -12.96
CA HIS A 22 6.91 2.11 -13.47
C HIS A 22 5.89 1.03 -13.32
N TYR A 23 4.64 1.43 -13.15
CA TYR A 23 3.59 0.51 -12.71
C TYR A 23 2.43 0.42 -13.71
N LEU A 24 1.69 -0.69 -13.68
CA LEU A 24 0.54 -0.91 -14.57
C LEU A 24 -0.30 0.36 -14.78
N GLY A 25 -0.53 0.71 -16.04
CA GLY A 25 -1.26 1.92 -16.48
C GLY A 25 -0.27 2.83 -17.21
N ASP A 26 0.98 2.84 -16.74
CA ASP A 26 2.05 3.65 -17.35
C ASP A 26 2.36 3.16 -18.74
N ARG A 27 2.36 4.09 -19.68
CA ARG A 27 2.52 3.74 -21.09
C ARG A 27 3.93 3.23 -21.42
N VAL A 28 4.92 3.54 -20.58
CA VAL A 28 6.26 2.95 -20.79
C VAL A 28 6.22 1.41 -20.80
N LEU A 29 5.27 0.81 -20.07
CA LEU A 29 5.23 -0.63 -20.00
C LEU A 29 4.64 -1.25 -21.27
N ARG A 30 4.09 -0.44 -22.17
CA ARG A 30 3.37 -0.91 -23.34
C ARG A 30 4.10 -0.54 -24.63
N GLN A 31 5.34 -0.08 -24.49
CA GLN A 31 6.17 0.33 -25.65
C GLN A 31 7.14 -0.82 -25.94
N PRO A 32 6.97 -1.50 -27.09
CA PRO A 32 7.98 -2.45 -27.57
C PRO A 32 9.42 -1.89 -27.55
N ALA A 33 10.32 -2.61 -26.89
CA ALA A 33 11.68 -2.13 -26.68
C ALA A 33 12.53 -2.08 -27.96
N LYS A 34 13.32 -1.00 -28.08
CA LYS A 34 14.32 -0.80 -29.14
C LYS A 34 15.48 -1.77 -28.95
N ARG A 35 15.98 -2.29 -30.06
CA ARG A 35 17.21 -3.06 -30.03
C ARG A 35 18.34 -2.29 -29.37
N VAL A 36 19.22 -3.04 -28.72
CA VAL A 36 20.42 -2.46 -28.18
C VAL A 36 21.36 -2.32 -29.35
N SER A 37 21.79 -1.08 -29.58
CA SER A 37 22.71 -0.76 -30.69
C SER A 37 24.15 -1.15 -30.41
N ARG A 38 24.57 -1.02 -29.16
CA ARG A 38 25.98 -1.10 -28.86
C ARG A 38 26.15 -1.63 -27.47
N ILE A 39 26.96 -2.65 -27.30
CA ILE A 39 27.18 -3.23 -26.00
C ILE A 39 28.48 -2.66 -25.51
N ASP A 40 28.40 -1.58 -24.71
CA ASP A 40 29.59 -0.84 -24.26
C ASP A 40 29.54 -0.68 -22.74
N ASP A 41 30.51 0.05 -22.19
CA ASP A 41 30.61 0.17 -20.72
C ASP A 41 29.44 0.95 -20.13
N GLU A 42 28.91 1.91 -20.88
CA GLU A 42 27.72 2.61 -20.40
C GLU A 42 26.54 1.64 -20.22
N LEU A 43 26.41 0.69 -21.15
CA LEU A 43 25.32 -0.29 -21.07
C LEU A 43 25.60 -1.18 -19.85
N ARG A 44 26.87 -1.52 -19.59
CA ARG A 44 27.19 -2.34 -18.40
C ARG A 44 26.87 -1.64 -17.06
N GLN A 45 26.95 -0.33 -17.04
CA GLN A 45 26.61 0.40 -15.81
C GLN A 45 25.10 0.36 -15.63
N THR A 46 24.37 0.45 -16.74
CA THR A 46 22.90 0.30 -16.68
C THR A 46 22.53 -1.10 -16.20
N ILE A 47 23.31 -2.10 -16.60
CA ILE A 47 23.07 -3.45 -16.19
C ILE A 47 23.25 -3.55 -14.65
N ARG A 48 24.31 -2.94 -14.17
CA ARG A 48 24.57 -2.94 -12.75
C ARG A 48 23.40 -2.30 -12.04
N GLN A 49 22.92 -1.16 -12.54
CA GLN A 49 21.85 -0.44 -11.84
C GLN A 49 20.54 -1.22 -11.85
N MET A 50 20.29 -1.94 -12.94
CA MET A 50 19.10 -2.82 -13.06
C MET A 50 19.19 -3.92 -12.00
N LEU A 51 20.36 -4.54 -11.85
CA LEU A 51 20.54 -5.59 -10.87
C LEU A 51 20.37 -5.05 -9.46
N GLN A 52 20.95 -3.89 -9.19
CA GLN A 52 20.78 -3.30 -7.84
C GLN A 52 19.33 -3.01 -7.54
N THR A 53 18.62 -2.48 -8.55
CA THR A 53 17.22 -2.15 -8.40
C THR A 53 16.39 -3.45 -8.16
N MET A 54 16.68 -4.47 -8.96
CA MET A 54 15.98 -5.76 -8.89
C MET A 54 16.11 -6.38 -7.49
N TYR A 55 17.35 -6.44 -7.01
CA TYR A 55 17.65 -7.07 -5.73
C TYR A 55 17.00 -6.35 -4.59
N SER A 56 17.08 -5.03 -4.62
CA SER A 56 16.47 -4.22 -3.59
C SER A 56 14.93 -4.44 -3.48
N ALA A 57 14.27 -4.60 -4.63
CA ALA A 57 12.81 -4.91 -4.71
C ALA A 57 12.46 -6.40 -4.58
N ASP A 58 13.46 -7.23 -4.34
CA ASP A 58 13.32 -8.72 -4.22
C ASP A 58 12.75 -9.43 -5.44
N GLY A 59 13.09 -8.99 -6.63
CA GLY A 59 12.66 -9.63 -7.85
C GLY A 59 13.65 -10.69 -8.27
N ILE A 60 13.22 -11.57 -9.16
CA ILE A 60 14.14 -12.54 -9.79
C ILE A 60 14.50 -12.20 -11.22
N GLY A 61 13.85 -11.16 -11.79
CA GLY A 61 14.19 -10.64 -13.10
C GLY A 61 13.75 -9.20 -13.20
N LEU A 62 14.28 -8.51 -14.20
CA LEU A 62 13.92 -7.11 -14.45
C LEU A 62 14.19 -6.81 -15.92
N ALA A 63 13.19 -6.25 -16.60
CA ALA A 63 13.30 -5.81 -17.99
C ALA A 63 13.41 -4.31 -18.02
N ALA A 64 14.28 -3.79 -18.89
CA ALA A 64 14.57 -2.35 -18.93
C ALA A 64 13.34 -1.44 -19.06
N PRO A 65 12.33 -1.81 -19.86
CA PRO A 65 11.12 -0.96 -19.86
C PRO A 65 10.46 -0.69 -18.51
N GLN A 66 10.62 -1.62 -17.57
CA GLN A 66 10.04 -1.47 -16.24
C GLN A 66 10.65 -0.32 -15.47
N VAL A 67 11.88 0.05 -15.84
CA VAL A 67 12.53 1.21 -15.25
C VAL A 67 12.66 2.34 -16.27
N GLY A 68 11.84 2.33 -17.30
CA GLY A 68 11.74 3.44 -18.21
C GLY A 68 12.90 3.50 -19.18
N ILE A 69 13.60 2.40 -19.37
CA ILE A 69 14.70 2.38 -20.32
C ILE A 69 14.22 1.55 -21.51
N ASN A 70 14.19 2.18 -22.68
CA ASN A 70 13.53 1.58 -23.85
C ASN A 70 14.59 0.77 -24.59
N LYS A 71 14.93 -0.39 -24.04
CA LYS A 71 15.97 -1.23 -24.62
C LYS A 71 15.66 -2.69 -24.41
N GLN A 72 16.04 -3.53 -25.38
CA GLN A 72 15.91 -4.98 -25.29
C GLN A 72 17.00 -5.53 -24.38
N LEU A 73 16.78 -5.36 -23.09
CA LEU A 73 17.75 -5.71 -22.05
C LEU A 73 17.00 -6.24 -20.82
N ILE A 74 17.41 -7.43 -20.38
CA ILE A 74 16.84 -8.16 -19.25
C ILE A 74 17.96 -8.68 -18.33
N VAL A 75 17.73 -8.61 -17.02
CA VAL A 75 18.62 -9.24 -16.05
C VAL A 75 17.77 -10.23 -15.25
N ILE A 76 18.36 -11.38 -14.90
CA ILE A 76 17.64 -12.45 -14.19
C ILE A 76 18.59 -13.03 -13.17
N ASP A 77 18.11 -13.24 -11.93
CA ASP A 77 18.91 -14.02 -10.97
C ASP A 77 17.94 -14.69 -10.00
N LEU A 78 17.81 -16.01 -10.15
CA LEU A 78 16.95 -16.85 -9.32
C LEU A 78 17.60 -17.41 -8.08
N GLU A 79 18.92 -17.28 -7.95
CA GLU A 79 19.62 -18.12 -6.99
C GLU A 79 19.50 -17.59 -5.61
N LEU A 80 19.27 -18.50 -4.66
CA LEU A 80 19.50 -18.25 -3.26
C LEU A 80 20.94 -18.72 -2.98
N PRO A 86 25.89 -16.54 -10.86
CA PRO A 86 26.22 -15.37 -11.73
C PRO A 86 24.99 -14.95 -12.53
N PRO A 87 24.54 -13.69 -12.40
CA PRO A 87 23.21 -13.41 -12.94
C PRO A 87 23.19 -13.52 -14.45
N LEU A 88 22.03 -13.78 -15.01
CA LEU A 88 21.92 -13.91 -16.44
C LEU A 88 21.59 -12.52 -17.05
N VAL A 89 22.38 -12.09 -18.03
CA VAL A 89 22.08 -10.86 -18.78
C VAL A 89 21.75 -11.19 -20.25
N LEU A 90 20.56 -10.82 -20.65
CA LEU A 90 20.08 -11.05 -22.01
C LEU A 90 19.99 -9.73 -22.74
N ILE A 91 20.74 -9.60 -23.81
CA ILE A 91 20.72 -8.40 -24.64
C ILE A 91 20.20 -8.83 -26.02
N ASN A 92 19.24 -8.07 -26.53
CA ASN A 92 18.50 -8.41 -27.77
C ASN A 92 18.11 -9.87 -27.90
N PRO A 93 17.42 -10.42 -26.88
CA PRO A 93 17.10 -11.83 -26.94
C PRO A 93 16.03 -12.15 -27.99
N LYS A 94 15.95 -13.41 -28.38
CA LYS A 94 14.90 -13.87 -29.24
C LYS A 94 14.51 -15.24 -28.72
N ILE A 95 13.21 -15.49 -28.58
CA ILE A 95 12.74 -16.86 -28.30
C ILE A 95 12.81 -17.65 -29.59
N GLU A 96 13.54 -18.76 -29.59
CA GLU A 96 13.70 -19.56 -30.81
C GLU A 96 12.59 -20.56 -30.92
N ARG A 97 12.15 -21.10 -29.78
CA ARG A 97 10.93 -21.90 -29.71
C ARG A 97 10.61 -22.25 -28.26
N THR A 98 9.42 -22.80 -28.07
CA THR A 98 9.01 -23.32 -26.77
C THR A 98 8.70 -24.80 -26.85
N ALA A 99 8.56 -25.43 -25.70
CA ALA A 99 8.39 -26.86 -25.66
C ALA A 99 7.74 -27.24 -24.34
N GLY A 100 7.50 -28.53 -24.16
CA GLY A 100 6.82 -29.03 -23.00
C GLY A 100 5.33 -28.74 -23.01
N ASP A 101 4.72 -28.98 -21.86
CA ASP A 101 3.29 -28.79 -21.73
C ASP A 101 3.01 -27.36 -21.32
N LEU A 102 1.73 -27.00 -21.26
CA LEU A 102 1.32 -25.68 -20.80
C LEU A 102 1.00 -25.79 -19.33
N GLU A 103 1.66 -24.97 -18.55
CA GLU A 103 1.61 -25.06 -17.12
C GLU A 103 1.13 -23.74 -16.59
N GLN A 104 0.21 -23.81 -15.63
CA GLN A 104 -0.38 -22.67 -15.00
C GLN A 104 0.26 -22.55 -13.62
N CYS A 105 0.90 -21.41 -13.35
CA CYS A 105 1.47 -21.07 -12.06
C CYS A 105 1.18 -19.62 -11.71
N GLN A 106 1.28 -19.35 -10.41
CA GLN A 106 1.11 -18.01 -9.87
C GLN A 106 2.26 -17.11 -10.28
N GLU A 107 1.94 -15.93 -10.83
CA GLU A 107 2.94 -14.92 -11.13
C GLU A 107 2.67 -13.58 -10.48
N GLY A 108 3.73 -12.90 -10.11
CA GLY A 108 3.69 -11.49 -9.75
C GLY A 108 4.68 -10.70 -10.60
N CYS A 109 4.66 -9.37 -10.44
CA CYS A 109 5.48 -8.48 -11.26
C CYS A 109 5.80 -7.26 -10.42
N LEU A 110 7.05 -6.81 -10.49
CA LEU A 110 7.47 -5.61 -9.82
C LEU A 110 6.71 -4.38 -10.35
N SER A 111 6.21 -4.43 -11.58
CA SER A 111 5.38 -3.35 -12.11
C SER A 111 3.92 -3.41 -11.69
N ILE A 112 3.54 -4.49 -11.01
CA ILE A 112 2.16 -4.70 -10.53
C ILE A 112 2.17 -5.23 -9.07
N PRO A 113 2.77 -4.44 -8.16
CA PRO A 113 3.03 -4.91 -6.80
C PRO A 113 1.80 -5.41 -6.04
N GLY A 114 1.92 -6.58 -5.44
CA GLY A 114 0.83 -7.13 -4.63
C GLY A 114 -0.13 -8.02 -5.41
N VAL A 115 -0.08 -8.01 -6.76
CA VAL A 115 -1.00 -8.79 -7.57
C VAL A 115 -0.41 -10.15 -7.95
N TYR A 116 -1.07 -11.24 -7.53
CA TYR A 116 -0.65 -12.61 -7.84
C TYR A 116 -1.78 -13.34 -8.52
N LEU A 117 -1.52 -13.78 -9.75
CA LEU A 117 -2.53 -14.46 -10.55
C LEU A 117 -1.93 -15.66 -11.35
N ASP A 118 -2.76 -16.64 -11.66
CA ASP A 118 -2.31 -17.77 -12.48
C ASP A 118 -2.11 -17.43 -13.94
N VAL A 119 -0.96 -17.84 -14.46
CA VAL A 119 -0.65 -17.60 -15.86
C VAL A 119 -0.24 -18.93 -16.48
N GLU A 120 -0.82 -19.24 -17.64
CA GLU A 120 -0.45 -20.46 -18.38
C GLU A 120 0.68 -20.11 -19.35
N ARG A 121 1.75 -20.86 -19.30
CA ARG A 121 2.86 -20.74 -20.26
C ARG A 121 3.44 -22.10 -20.61
N PRO A 122 4.11 -22.18 -21.78
CA PRO A 122 4.93 -23.34 -22.06
C PRO A 122 5.97 -23.56 -20.97
N GLU A 123 6.21 -24.82 -20.63
CA GLU A 123 7.19 -25.16 -19.59
C GLU A 123 8.63 -24.85 -19.99
N ILE A 124 8.96 -25.02 -21.27
CA ILE A 124 10.32 -24.95 -21.70
C ILE A 124 10.51 -23.89 -22.76
N VAL A 125 11.59 -23.11 -22.68
CA VAL A 125 11.86 -22.08 -23.67
C VAL A 125 13.33 -22.12 -24.10
N GLU A 126 13.58 -21.92 -25.40
CA GLU A 126 14.94 -21.76 -25.93
C GLU A 126 15.11 -20.29 -26.35
N VAL A 127 16.22 -19.67 -25.93
CA VAL A 127 16.44 -18.29 -26.26
C VAL A 127 17.85 -18.07 -26.77
N SER A 128 17.99 -17.19 -27.77
CA SER A 128 19.29 -16.71 -28.20
C SER A 128 19.43 -15.25 -27.82
N TYR A 129 20.66 -14.85 -27.53
CA TYR A 129 20.93 -13.53 -26.99
C TYR A 129 22.41 -13.25 -26.98
N LYS A 130 22.75 -11.99 -26.79
CA LYS A 130 24.10 -11.60 -26.52
C LYS A 130 24.24 -11.37 -25.04
N ASP A 131 25.35 -11.82 -24.51
CA ASP A 131 25.62 -11.63 -23.11
C ASP A 131 26.25 -10.24 -22.84
N GLU A 132 26.54 -9.95 -21.57
CA GLU A 132 27.09 -8.66 -21.14
C GLU A 132 28.47 -8.32 -21.73
N ASN A 133 29.16 -9.33 -22.26
CA ASN A 133 30.38 -9.10 -23.01
C ASN A 133 30.20 -9.12 -24.49
N GLY A 134 28.97 -9.16 -24.98
CA GLY A 134 28.77 -9.12 -26.41
C GLY A 134 28.84 -10.46 -27.15
N ARG A 135 29.10 -11.53 -26.40
CA ARG A 135 29.20 -12.87 -26.99
C ARG A 135 27.79 -13.45 -27.23
N PRO A 136 27.54 -13.98 -28.43
CA PRO A 136 26.29 -14.70 -28.72
C PRO A 136 26.17 -15.98 -27.90
N GLN A 137 25.01 -16.19 -27.31
CA GLN A 137 24.75 -17.33 -26.43
C GLN A 137 23.39 -17.91 -26.79
N ARG A 138 23.14 -19.16 -26.38
CA ARG A 138 21.83 -19.75 -26.50
C ARG A 138 21.61 -20.53 -25.23
N LEU A 139 20.38 -20.58 -24.77
CA LEU A 139 20.03 -21.19 -23.49
C LEU A 139 18.74 -21.96 -23.66
N VAL A 140 18.61 -23.13 -23.07
CA VAL A 140 17.27 -23.74 -22.95
C VAL A 140 16.98 -23.78 -21.47
N ALA A 141 15.75 -23.47 -21.12
CA ALA A 141 15.37 -23.41 -19.70
C ALA A 141 14.08 -24.08 -19.52
N ASP A 142 13.86 -24.53 -18.28
CA ASP A 142 12.59 -25.05 -17.84
C ASP A 142 12.29 -24.42 -16.48
N GLY A 143 11.19 -24.88 -15.88
CA GLY A 143 10.77 -24.46 -14.55
C GLY A 143 10.67 -22.95 -14.37
N LEU A 144 11.08 -22.47 -13.21
CA LEU A 144 10.94 -21.06 -12.86
C LEU A 144 11.79 -20.19 -13.74
N LEU A 145 12.99 -20.66 -14.13
CA LEU A 145 13.79 -19.89 -15.05
C LEU A 145 13.09 -19.68 -16.41
N ALA A 146 12.53 -20.74 -16.99
CA ALA A 146 11.77 -20.60 -18.27
C ALA A 146 10.58 -19.63 -18.13
N ARG A 147 9.91 -19.69 -17.00
CA ARG A 147 8.80 -18.82 -16.70
C ARG A 147 9.25 -17.34 -16.65
N CYS A 148 10.32 -17.07 -15.91
CA CYS A 148 10.82 -15.72 -15.76
C CYS A 148 11.26 -15.19 -17.13
N ILE A 149 11.98 -16.01 -17.89
CA ILE A 149 12.45 -15.58 -19.22
C ILE A 149 11.25 -15.16 -20.06
N GLN A 150 10.20 -15.95 -20.08
CA GLN A 150 9.05 -15.59 -20.90
C GLN A 150 8.30 -14.33 -20.39
N HIS A 151 8.23 -14.22 -19.09
CA HIS A 151 7.71 -12.99 -18.45
C HIS A 151 8.50 -11.77 -18.82
N GLU A 152 9.81 -11.87 -18.75
CA GLU A 152 10.65 -10.73 -19.12
C GLU A 152 10.59 -10.37 -20.61
N MET A 153 10.58 -11.37 -21.47
CA MET A 153 10.48 -11.17 -22.91
C MET A 153 9.14 -10.50 -23.23
N ASP A 154 8.11 -10.90 -22.50
CA ASP A 154 6.79 -10.23 -22.60
C ASP A 154 6.95 -8.68 -22.41
N HIS A 155 7.68 -8.26 -21.38
CA HIS A 155 7.90 -6.85 -21.07
C HIS A 155 8.57 -6.16 -22.23
N LEU A 156 9.47 -6.84 -22.96
CA LEU A 156 10.20 -6.21 -24.07
C LEU A 156 9.29 -5.95 -25.23
N ASN A 157 8.19 -6.68 -25.27
CA ASN A 157 7.16 -6.52 -26.26
C ASN A 157 5.91 -5.77 -25.80
N GLY A 158 5.96 -5.09 -24.66
CA GLY A 158 4.83 -4.33 -24.18
C GLY A 158 3.72 -5.21 -23.58
N VAL A 159 4.02 -6.46 -23.22
CA VAL A 159 3.00 -7.38 -22.69
C VAL A 159 3.23 -7.57 -21.19
N LEU A 160 2.16 -7.57 -20.41
CA LEU A 160 2.19 -7.76 -18.97
C LEU A 160 1.40 -8.98 -18.63
N PHE A 161 1.75 -9.62 -17.52
CA PHE A 161 1.21 -10.93 -17.19
C PHE A 161 -0.29 -10.94 -17.03
N VAL A 162 -0.85 -9.81 -16.56
CA VAL A 162 -2.29 -9.69 -16.45
C VAL A 162 -3.02 -9.89 -17.75
N ASP A 163 -2.33 -9.59 -18.87
CA ASP A 163 -2.86 -9.78 -20.23
C ASP A 163 -3.20 -11.26 -20.52
N ARG A 164 -2.49 -12.17 -19.86
CA ARG A 164 -2.66 -13.61 -20.10
C ARG A 164 -3.61 -14.29 -19.12
N VAL A 165 -4.19 -13.54 -18.19
CA VAL A 165 -4.96 -14.14 -17.10
C VAL A 165 -6.34 -14.39 -17.63
N GLU A 166 -6.77 -15.65 -17.51
CA GLU A 166 -8.08 -16.10 -18.04
C GLU A 166 -9.27 -15.90 -17.05
N ASN A 167 -8.99 -15.88 -15.74
CA ASN A 167 -10.07 -15.76 -14.74
C ASN A 167 -10.46 -14.29 -14.45
N ARG A 168 -11.60 -13.87 -14.97
CA ARG A 168 -12.04 -12.46 -14.89
C ARG A 168 -12.35 -12.02 -13.46
N LEU A 169 -12.86 -12.93 -12.68
CA LEU A 169 -13.18 -12.66 -11.29
C LEU A 169 -11.89 -12.39 -10.53
N GLU A 170 -10.92 -13.28 -10.67
CA GLU A 170 -9.70 -13.16 -9.88
C GLU A 170 -8.86 -11.99 -10.35
N LEU A 171 -8.89 -11.74 -11.67
CA LEU A 171 -8.19 -10.60 -12.24
C LEU A 171 -8.73 -9.28 -11.65
N ASN A 172 -10.05 -9.08 -11.79
CA ASN A 172 -10.64 -7.86 -11.29
C ASN A 172 -10.45 -7.72 -9.78
N GLU A 173 -10.60 -8.80 -9.01
CA GLU A 173 -10.50 -8.66 -7.56
C GLU A 173 -9.11 -8.27 -7.16
N ALA A 174 -8.09 -8.89 -7.80
CA ALA A 174 -6.69 -8.65 -7.42
C ALA A 174 -6.26 -7.24 -7.82
N LEU A 175 -6.64 -6.81 -9.02
CA LEU A 175 -6.36 -5.45 -9.43
C LEU A 175 -7.11 -4.45 -8.53
N ASP A 176 -8.38 -4.71 -8.25
CA ASP A 176 -9.14 -3.84 -7.35
C ASP A 176 -8.49 -3.69 -5.99
N LYS A 177 -8.21 -4.82 -5.33
CA LYS A 177 -7.64 -4.78 -3.98
C LYS A 177 -6.32 -4.01 -3.90
N LYS A 178 -5.58 -3.94 -5.01
CA LYS A 178 -4.29 -3.27 -5.01
C LYS A 178 -4.27 -1.96 -5.72
N GLY A 179 -5.44 -1.42 -6.04
CA GLY A 179 -5.52 -0.08 -6.62
C GLY A 179 -5.12 0.06 -8.08
N PHE A 180 -5.28 -0.98 -8.89
CA PHE A 180 -4.95 -0.90 -10.31
C PHE A 180 -6.21 -0.99 -11.10
N ALA A 181 -6.16 -0.48 -12.34
CA ALA A 181 -7.32 -0.47 -13.25
C ALA A 181 -7.32 -1.62 -14.25
N VAL A 182 -8.43 -2.36 -14.28
CA VAL A 182 -8.61 -3.43 -15.28
C VAL A 182 -8.57 -2.87 -16.71
N GLN A 183 -8.88 -1.60 -16.89
CA GLN A 183 -8.82 -0.99 -18.21
C GLN A 183 -7.38 -0.89 -18.73
N ALA A 184 -6.39 -1.04 -17.83
CA ALA A 184 -4.97 -0.99 -18.23
C ALA A 184 -4.48 -2.33 -18.81
N VAL A 185 -5.32 -3.35 -18.73
CA VAL A 185 -5.04 -4.69 -19.23
C VAL A 185 -5.21 -4.66 -20.73
N ARG A 186 -4.40 -5.44 -21.44
CA ARG A 186 -4.45 -5.49 -22.90
C ARG A 186 -4.66 -6.92 -23.41
N PRO A 187 -5.31 -7.05 -24.59
CA PRO A 187 -5.31 -8.40 -25.15
C PRO A 187 -3.90 -8.86 -25.59
N VAL A 188 -3.71 -10.18 -25.68
CA VAL A 188 -2.55 -10.82 -26.35
C VAL A 188 -2.83 -11.19 -27.81
N ALA B 6 25.45 -21.42 10.63
CA ALA B 6 24.71 -22.29 11.59
C ALA B 6 23.70 -21.48 12.42
N ILE B 7 22.43 -21.86 12.36
CA ILE B 7 21.41 -21.27 13.24
C ILE B 7 21.10 -22.16 14.46
N ARG B 8 21.32 -21.59 15.63
CA ARG B 8 21.27 -22.35 16.86
C ARG B 8 20.70 -21.38 17.90
N VAL B 9 19.44 -21.62 18.32
CA VAL B 9 18.72 -20.82 19.29
C VAL B 9 18.35 -21.67 20.54
N ALA B 10 18.53 -21.15 21.74
CA ALA B 10 18.15 -21.93 22.93
C ALA B 10 16.63 -22.10 22.92
N LYS B 11 16.14 -23.26 23.33
CA LYS B 11 14.70 -23.51 23.21
C LYS B 11 13.91 -23.02 24.44
N LYS B 12 14.27 -21.87 25.00
CA LYS B 12 13.74 -21.38 26.29
C LYS B 12 12.62 -20.34 26.07
N LYS B 13 11.66 -20.28 26.98
CA LYS B 13 10.67 -19.20 26.99
C LYS B 13 11.37 -17.91 27.31
N LEU B 14 11.13 -16.87 26.51
CA LEU B 14 11.60 -15.55 26.88
C LEU B 14 10.41 -14.73 27.43
N ALA B 15 10.72 -13.81 28.34
CA ALA B 15 9.73 -12.94 28.96
C ALA B 15 9.17 -12.00 27.92
N LYS B 16 10.09 -11.45 27.10
CA LYS B 16 9.83 -10.50 26.01
C LYS B 16 10.30 -11.05 24.63
N PRO B 17 9.41 -11.79 23.93
CA PRO B 17 9.73 -12.28 22.57
C PRO B 17 10.09 -11.14 21.60
N PRO B 18 11.08 -11.36 20.73
CA PRO B 18 11.55 -10.29 19.87
C PRO B 18 10.55 -9.86 18.80
N LEU B 19 9.57 -10.68 18.43
CA LEU B 19 8.58 -10.30 17.41
C LEU B 19 7.16 -10.39 17.98
N ASP B 20 6.24 -9.56 17.51
CA ASP B 20 4.85 -9.61 17.96
C ASP B 20 3.99 -10.48 17.03
N LEU B 21 3.28 -11.40 17.64
CA LEU B 21 2.24 -12.21 16.99
C LEU B 21 1.08 -11.34 16.55
N HIS B 22 0.46 -11.74 15.43
CA HIS B 22 -0.77 -11.14 14.97
C HIS B 22 -1.86 -12.16 15.10
N TYR B 23 -3.10 -11.67 15.28
CA TYR B 23 -4.18 -12.52 15.74
C TYR B 23 -5.37 -12.53 14.79
N LEU B 24 -6.16 -13.60 14.84
CA LEU B 24 -7.40 -13.74 14.03
C LEU B 24 -8.22 -12.47 13.93
N GLY B 25 -8.49 -12.09 12.68
CA GLY B 25 -9.07 -10.80 12.37
C GLY B 25 -8.11 -9.88 11.64
N ASP B 26 -6.86 -9.87 12.07
CA ASP B 26 -5.84 -9.04 11.43
C ASP B 26 -5.62 -9.50 9.99
N ARG B 27 -5.66 -8.55 9.05
CA ARG B 27 -5.60 -8.94 7.65
C ARG B 27 -4.20 -9.43 7.25
N VAL B 28 -3.16 -9.20 8.07
CA VAL B 28 -1.82 -9.75 7.70
C VAL B 28 -1.82 -11.28 7.66
N LEU B 29 -2.75 -11.90 8.39
CA LEU B 29 -2.86 -13.37 8.42
C LEU B 29 -3.49 -13.94 7.18
N ARG B 30 -4.05 -13.10 6.33
CA ARG B 30 -4.74 -13.53 5.12
C ARG B 30 -3.97 -13.14 3.87
N GLN B 31 -2.79 -12.56 3.99
CA GLN B 31 -2.04 -12.12 2.79
C GLN B 31 -1.14 -13.29 2.37
N PRO B 32 -1.33 -13.85 1.16
CA PRO B 32 -0.36 -14.90 0.79
C PRO B 32 1.08 -14.39 0.81
N ALA B 33 2.01 -15.23 1.25
CA ALA B 33 3.36 -14.81 1.51
C ALA B 33 4.23 -14.71 0.24
N LYS B 34 5.07 -13.69 0.22
CA LYS B 34 6.00 -13.43 -0.91
C LYS B 34 7.25 -14.34 -0.85
N ARG B 35 7.70 -14.84 -2.00
CA ARG B 35 8.92 -15.67 -2.09
C ARG B 35 10.13 -14.92 -1.55
N VAL B 36 11.00 -15.65 -0.83
CA VAL B 36 12.24 -15.13 -0.32
C VAL B 36 13.23 -15.11 -1.49
N SER B 37 13.93 -13.99 -1.68
CA SER B 37 14.83 -13.83 -2.82
C SER B 37 16.30 -14.10 -2.53
N ARG B 38 16.67 -14.05 -1.25
CA ARG B 38 18.04 -14.24 -0.80
C ARG B 38 18.10 -14.54 0.68
N ILE B 39 19.20 -15.20 1.05
CA ILE B 39 19.55 -15.49 2.42
C ILE B 39 20.74 -14.60 2.71
N ASP B 40 20.56 -13.72 3.69
CA ASP B 40 21.59 -12.77 4.16
C ASP B 40 21.43 -12.67 5.68
N ASP B 41 22.25 -11.87 6.32
CA ASP B 41 22.18 -11.78 7.76
C ASP B 41 20.85 -11.27 8.29
N GLU B 42 20.19 -10.38 7.56
CA GLU B 42 18.87 -9.93 7.94
C GLU B 42 17.88 -11.12 7.96
N LEU B 43 18.00 -12.05 7.01
CA LEU B 43 17.03 -13.16 7.01
C LEU B 43 17.37 -14.06 8.17
N ARG B 44 18.67 -14.26 8.40
CA ARG B 44 19.12 -15.15 9.48
C ARG B 44 18.65 -14.60 10.82
N GLN B 45 18.70 -13.29 10.98
CA GLN B 45 18.22 -12.69 12.23
C GLN B 45 16.71 -12.94 12.36
N THR B 46 15.98 -12.83 11.27
CA THR B 46 14.52 -13.10 11.29
C THR B 46 14.21 -14.55 11.72
N ILE B 47 14.96 -15.51 11.17
CA ILE B 47 14.84 -16.91 11.52
C ILE B 47 15.08 -17.11 13.02
N ARG B 48 16.18 -16.53 13.54
CA ARG B 48 16.50 -16.64 14.96
CA ARG B 48 16.53 -16.59 14.95
C ARG B 48 15.35 -16.04 15.77
N GLN B 49 14.88 -14.87 15.36
CA GLN B 49 13.79 -14.18 16.04
C GLN B 49 12.46 -14.91 15.99
N MET B 50 12.15 -15.52 14.84
CA MET B 50 11.01 -16.36 14.69
C MET B 50 11.08 -17.57 15.65
N LEU B 51 12.24 -18.24 15.71
CA LEU B 51 12.41 -19.34 16.67
C LEU B 51 12.23 -18.87 18.11
N GLN B 52 12.84 -17.76 18.47
CA GLN B 52 12.64 -17.23 19.83
C GLN B 52 11.18 -16.96 20.14
N THR B 53 10.48 -16.34 19.21
CA THR B 53 9.09 -16.01 19.41
C THR B 53 8.27 -17.31 19.58
N MET B 54 8.59 -18.31 18.77
CA MET B 54 7.85 -19.60 18.77
C MET B 54 8.04 -20.33 20.10
N TYR B 55 9.31 -20.48 20.52
CA TYR B 55 9.64 -21.10 21.81
C TYR B 55 9.03 -20.32 22.96
N SER B 56 9.02 -18.98 22.86
CA SER B 56 8.43 -18.16 23.94
C SER B 56 6.93 -18.39 24.11
N ALA B 57 6.24 -18.82 23.06
CA ALA B 57 4.83 -19.14 23.18
C ALA B 57 4.55 -20.64 23.18
N ASP B 58 5.58 -21.44 23.40
CA ASP B 58 5.48 -22.89 23.41
C ASP B 58 4.92 -23.50 22.09
N GLY B 59 5.14 -22.85 20.96
CA GLY B 59 4.70 -23.42 19.69
C GLY B 59 5.70 -24.43 19.15
N ILE B 60 5.25 -25.30 18.26
CA ILE B 60 6.15 -26.25 17.58
C ILE B 60 6.38 -25.86 16.12
N GLY B 61 5.75 -24.76 15.71
CA GLY B 61 5.99 -24.20 14.39
C GLY B 61 5.59 -22.75 14.36
N LEU B 62 6.10 -22.02 13.36
CA LEU B 62 5.72 -20.61 13.21
C LEU B 62 5.96 -20.20 11.77
N ALA B 63 4.98 -19.51 11.18
CA ALA B 63 5.06 -19.01 9.79
C ALA B 63 5.23 -17.51 9.78
N ALA B 64 6.12 -17.00 8.92
CA ALA B 64 6.47 -15.57 8.90
C ALA B 64 5.27 -14.59 8.95
N PRO B 65 4.19 -14.85 8.21
CA PRO B 65 3.02 -13.94 8.29
C PRO B 65 2.41 -13.76 9.68
N GLN B 66 2.58 -14.74 10.56
CA GLN B 66 2.07 -14.64 11.92
C GLN B 66 2.74 -13.53 12.71
N VAL B 67 3.97 -13.17 12.33
CA VAL B 67 4.72 -12.07 12.94
C VAL B 67 4.83 -10.90 12.00
N GLY B 68 3.92 -10.86 11.03
CA GLY B 68 3.79 -9.72 10.14
C GLY B 68 4.87 -9.56 9.13
N ILE B 69 5.60 -10.63 8.85
CA ILE B 69 6.66 -10.67 7.88
C ILE B 69 6.17 -11.39 6.64
N ASN B 70 6.18 -10.65 5.55
CA ASN B 70 5.58 -11.12 4.28
C ASN B 70 6.58 -11.97 3.51
N LYS B 71 6.85 -13.17 4.02
CA LYS B 71 7.87 -14.02 3.46
C LYS B 71 7.48 -15.49 3.55
N GLN B 72 7.92 -16.25 2.54
CA GLN B 72 7.66 -17.72 2.50
C GLN B 72 8.70 -18.38 3.37
N LEU B 73 8.49 -18.29 4.69
CA LEU B 73 9.47 -18.71 5.64
C LEU B 73 8.75 -19.34 6.83
N ILE B 74 9.13 -20.57 7.12
CA ILE B 74 8.59 -21.35 8.24
C ILE B 74 9.70 -21.90 9.11
N VAL B 75 9.48 -21.95 10.42
CA VAL B 75 10.36 -22.67 11.27
C VAL B 75 9.51 -23.67 12.06
N ILE B 76 10.05 -24.87 12.22
CA ILE B 76 9.38 -25.96 12.96
C ILE B 76 10.35 -26.65 13.93
N ASP B 77 9.88 -26.90 15.14
CA ASP B 77 10.60 -27.73 16.08
C ASP B 77 9.62 -28.44 16.98
N LEU B 78 9.51 -29.75 16.75
CA LEU B 78 8.64 -30.56 17.57
C LEU B 78 9.34 -31.01 18.85
N GLU B 79 10.65 -30.90 18.92
CA GLU B 79 11.40 -31.48 20.06
C GLU B 79 11.91 -30.34 20.93
N LEU B 80 10.98 -29.73 21.68
CA LEU B 80 11.25 -28.53 22.45
C LEU B 80 12.18 -28.73 23.65
N GLU B 81 12.33 -29.97 24.13
CA GLU B 81 13.19 -30.21 25.28
C GLU B 81 14.43 -31.03 24.89
N ASP B 82 14.68 -31.20 23.58
CA ASP B 82 15.92 -31.80 23.11
C ASP B 82 16.86 -30.78 22.42
N GLU B 83 17.87 -30.28 23.14
CA GLU B 83 18.73 -29.21 22.61
C GLU B 83 19.72 -29.67 21.52
N GLN B 84 19.87 -30.99 21.37
CA GLN B 84 20.75 -31.52 20.33
C GLN B 84 19.99 -31.56 19.00
N ALA B 85 18.67 -31.50 19.07
CA ALA B 85 17.77 -31.62 17.92
C ALA B 85 17.55 -30.27 17.22
N PRO B 86 18.08 -30.11 16.00
CA PRO B 86 17.99 -28.87 15.30
C PRO B 86 16.59 -28.61 14.74
N PRO B 87 16.19 -27.34 14.73
CA PRO B 87 14.89 -27.01 14.17
C PRO B 87 14.92 -27.12 12.65
N LEU B 88 13.76 -27.25 12.04
CA LEU B 88 13.64 -27.32 10.61
C LEU B 88 13.29 -25.93 10.08
N VAL B 89 14.05 -25.44 9.12
CA VAL B 89 13.82 -24.15 8.51
C VAL B 89 13.45 -24.38 7.04
N LEU B 90 12.22 -23.97 6.68
CA LEU B 90 11.69 -24.08 5.33
C LEU B 90 11.60 -22.72 4.65
N ILE B 91 12.36 -22.56 3.58
CA ILE B 91 12.33 -21.35 2.74
C ILE B 91 11.70 -21.72 1.42
N ASN B 92 10.72 -20.92 0.99
CA ASN B 92 10.04 -21.16 -0.27
C ASN B 92 9.58 -22.60 -0.41
N PRO B 93 9.00 -23.18 0.65
CA PRO B 93 8.48 -24.55 0.52
C PRO B 93 7.34 -24.70 -0.49
N LYS B 94 7.19 -25.91 -1.04
CA LYS B 94 6.08 -26.29 -1.88
C LYS B 94 5.63 -27.70 -1.48
N ILE B 95 4.34 -27.89 -1.25
CA ILE B 95 3.80 -29.24 -1.09
C ILE B 95 3.85 -29.96 -2.47
N GLU B 96 4.57 -31.06 -2.54
CA GLU B 96 4.67 -31.78 -3.78
C GLU B 96 3.52 -32.79 -3.91
N ARG B 97 3.07 -33.30 -2.76
CA ARG B 97 1.92 -34.20 -2.71
C ARG B 97 1.52 -34.43 -1.27
N THR B 98 0.31 -34.95 -1.11
CA THR B 98 -0.13 -35.46 0.17
C THR B 98 -0.64 -36.89 -0.04
N ALA B 99 -0.71 -37.65 1.04
CA ALA B 99 -1.06 -39.07 0.92
C ALA B 99 -1.49 -39.60 2.25
N GLY B 100 -1.69 -40.92 2.29
CA GLY B 100 -2.15 -41.62 3.48
C GLY B 100 -3.61 -41.42 3.87
N ASP B 101 -3.96 -41.92 5.04
CA ASP B 101 -5.32 -41.70 5.55
C ASP B 101 -5.65 -40.21 5.80
N LEU B 102 -6.91 -39.90 5.99
CA LEU B 102 -7.31 -38.59 6.48
C LEU B 102 -7.45 -38.72 7.98
N GLU B 103 -6.74 -37.89 8.72
CA GLU B 103 -6.73 -37.98 10.17
C GLU B 103 -7.27 -36.69 10.78
N GLN B 104 -8.06 -36.85 11.84
CA GLN B 104 -8.65 -35.75 12.58
C GLN B 104 -7.96 -35.69 13.97
N CYS B 105 -7.26 -34.58 14.22
CA CYS B 105 -6.64 -34.27 15.51
CA CYS B 105 -6.67 -34.28 15.54
C CYS B 105 -6.97 -32.84 15.93
N GLN B 106 -6.83 -32.57 17.23
CA GLN B 106 -7.07 -31.27 17.74
C GLN B 106 -5.86 -30.36 17.40
N GLU B 107 -6.13 -29.13 16.99
CA GLU B 107 -5.09 -28.16 16.72
C GLU B 107 -5.36 -26.85 17.42
N GLY B 108 -4.29 -26.20 17.81
CA GLY B 108 -4.32 -24.82 18.17
C GLY B 108 -3.39 -24.01 17.32
N CYS B 109 -3.42 -22.70 17.51
CA CYS B 109 -2.56 -21.79 16.68
C CYS B 109 -2.14 -20.61 17.50
N LEU B 110 -0.88 -20.17 17.38
CA LEU B 110 -0.42 -19.04 18.21
C LEU B 110 -1.14 -17.74 17.83
N SER B 111 -1.65 -17.66 16.60
CA SER B 111 -2.46 -16.54 16.16
C SER B 111 -3.93 -16.58 16.60
N ILE B 112 -4.34 -17.66 17.29
CA ILE B 112 -5.70 -17.79 17.76
C ILE B 112 -5.64 -18.38 19.18
N PRO B 113 -4.98 -17.63 20.09
CA PRO B 113 -4.70 -18.18 21.41
C PRO B 113 -5.96 -18.64 22.16
N GLY B 114 -5.83 -19.82 22.75
CA GLY B 114 -6.88 -20.40 23.53
C GLY B 114 -7.94 -21.19 22.81
N VAL B 115 -7.90 -21.25 21.48
CA VAL B 115 -8.90 -21.95 20.71
C VAL B 115 -8.32 -23.27 20.20
N TYR B 116 -8.95 -24.39 20.56
CA TYR B 116 -8.46 -25.71 20.19
C TYR B 116 -9.61 -26.51 19.59
N LEU B 117 -9.46 -26.94 18.34
CA LEU B 117 -10.56 -27.56 17.61
C LEU B 117 -10.02 -28.67 16.69
N ASP B 118 -10.88 -29.64 16.37
CA ASP B 118 -10.46 -30.73 15.46
C ASP B 118 -10.26 -30.29 14.04
N VAL B 119 -9.20 -30.79 13.41
CA VAL B 119 -8.96 -30.53 12.01
C VAL B 119 -8.56 -31.83 11.34
N GLU B 120 -9.21 -32.13 10.20
CA GLU B 120 -8.93 -33.30 9.41
C GLU B 120 -7.88 -32.91 8.36
N ARG B 121 -6.79 -33.66 8.28
CA ARG B 121 -5.77 -33.45 7.25
C ARG B 121 -5.28 -34.79 6.73
N PRO B 122 -4.70 -34.79 5.53
CA PRO B 122 -3.93 -35.98 5.09
C PRO B 122 -2.79 -36.26 6.07
N GLU B 123 -2.52 -37.52 6.26
CA GLU B 123 -1.53 -38.00 7.22
C GLU B 123 -0.10 -37.75 6.78
N ILE B 124 0.12 -37.83 5.45
CA ILE B 124 1.43 -37.74 4.85
C ILE B 124 1.52 -36.49 3.96
N VAL B 125 2.63 -35.80 4.05
CA VAL B 125 2.89 -34.67 3.16
C VAL B 125 4.33 -34.75 2.69
N GLU B 126 4.55 -34.46 1.42
CA GLU B 126 5.90 -34.34 0.90
C GLU B 126 6.12 -32.88 0.52
N VAL B 127 7.22 -32.29 0.99
CA VAL B 127 7.55 -30.91 0.65
CA VAL B 127 7.56 -30.90 0.70
C VAL B 127 8.95 -30.78 0.05
N SER B 128 9.06 -29.84 -0.89
CA SER B 128 10.32 -29.42 -1.42
C SER B 128 10.57 -28.00 -0.90
N TYR B 129 11.81 -27.70 -0.56
CA TYR B 129 12.15 -26.40 0.02
C TYR B 129 13.65 -26.16 -0.07
N LYS B 130 14.04 -24.94 0.27
CA LYS B 130 15.43 -24.56 0.46
C LYS B 130 15.62 -24.47 1.96
N ASP B 131 16.75 -24.98 2.43
CA ASP B 131 17.11 -24.85 3.83
C ASP B 131 17.81 -23.50 4.09
N GLU B 132 18.22 -23.29 5.33
CA GLU B 132 18.84 -22.02 5.69
C GLU B 132 20.17 -21.73 4.95
N ASN B 133 20.72 -22.70 4.19
CA ASN B 133 21.88 -22.43 3.34
C ASN B 133 21.55 -22.26 1.85
N GLY B 134 20.27 -22.21 1.54
CA GLY B 134 19.82 -22.16 0.16
C GLY B 134 19.93 -23.47 -0.60
N ARG B 135 20.30 -24.55 0.09
CA ARG B 135 20.40 -25.90 -0.51
C ARG B 135 18.98 -26.51 -0.71
N PRO B 136 18.67 -26.98 -1.94
CA PRO B 136 17.36 -27.61 -2.14
C PRO B 136 17.21 -28.90 -1.35
N GLN B 137 16.05 -29.11 -0.74
CA GLN B 137 15.81 -30.30 0.08
C GLN B 137 14.42 -30.87 -0.19
N ARG B 138 14.20 -32.13 0.16
CA ARG B 138 12.89 -32.77 0.03
C ARG B 138 12.60 -33.55 1.30
N LEU B 139 11.36 -33.53 1.78
CA LEU B 139 11.00 -34.21 3.03
C LEU B 139 9.62 -34.85 2.86
N VAL B 140 9.51 -36.13 3.18
CA VAL B 140 8.24 -36.82 3.27
C VAL B 140 8.04 -37.07 4.77
N ALA B 141 6.90 -36.61 5.30
CA ALA B 141 6.65 -36.57 6.75
C ALA B 141 5.32 -37.21 7.03
N ASP B 142 5.18 -37.70 8.24
CA ASP B 142 3.91 -38.22 8.72
C ASP B 142 3.65 -37.66 10.14
N GLY B 143 2.60 -38.16 10.77
CA GLY B 143 2.31 -37.84 12.15
C GLY B 143 2.21 -36.36 12.43
N LEU B 144 2.71 -35.97 13.60
CA LEU B 144 2.60 -34.58 14.02
C LEU B 144 3.41 -33.66 13.12
N LEU B 145 4.56 -34.15 12.64
CA LEU B 145 5.38 -33.33 11.75
C LEU B 145 4.66 -32.93 10.47
N ALA B 146 4.00 -33.91 9.83
CA ALA B 146 3.16 -33.64 8.65
C ALA B 146 2.02 -32.68 8.97
N ARG B 147 1.37 -32.87 10.11
CA ARG B 147 0.29 -31.98 10.49
C ARG B 147 0.82 -30.55 10.64
N CYS B 148 1.92 -30.38 11.37
CA CYS B 148 2.54 -29.07 11.58
C CYS B 148 2.95 -28.41 10.26
N ILE B 149 3.62 -29.17 9.39
CA ILE B 149 3.96 -28.68 8.05
C ILE B 149 2.72 -28.15 7.31
N GLN B 150 1.61 -28.87 7.37
CA GLN B 150 0.44 -28.47 6.60
C GLN B 150 -0.24 -27.25 7.20
N HIS B 151 -0.25 -27.18 8.51
CA HIS B 151 -0.74 -26.01 9.22
C HIS B 151 0.09 -24.79 8.85
N GLU B 152 1.39 -24.93 8.87
CA GLU B 152 2.28 -23.79 8.53
C GLU B 152 2.19 -23.37 7.06
N MET B 153 2.07 -24.34 6.16
CA MET B 153 1.90 -24.06 4.72
C MET B 153 0.62 -23.28 4.49
N ASP B 154 -0.41 -23.65 5.25
CA ASP B 154 -1.66 -22.92 5.27
C ASP B 154 -1.46 -21.43 5.55
N HIS B 155 -0.72 -21.10 6.60
CA HIS B 155 -0.40 -19.72 6.93
C HIS B 155 0.23 -18.97 5.79
N LEU B 156 1.08 -19.64 4.97
CA LEU B 156 1.74 -18.93 3.87
C LEU B 156 0.79 -18.64 2.74
N ASN B 157 -0.33 -19.34 2.74
CA ASN B 157 -1.37 -19.08 1.77
C ASN B 157 -2.52 -18.27 2.32
N GLY B 158 -2.40 -17.73 3.53
CA GLY B 158 -3.52 -16.95 4.07
C GLY B 158 -4.63 -17.79 4.70
N VAL B 159 -4.34 -19.05 5.02
CA VAL B 159 -5.35 -19.99 5.52
C VAL B 159 -5.05 -20.24 7.01
N LEU B 160 -6.09 -20.21 7.83
CA LEU B 160 -6.00 -20.48 9.27
C LEU B 160 -6.80 -21.74 9.59
N PHE B 161 -6.39 -22.44 10.64
CA PHE B 161 -6.98 -23.74 10.91
C PHE B 161 -8.49 -23.76 11.11
N VAL B 162 -9.00 -22.63 11.62
CA VAL B 162 -10.43 -22.44 11.87
C VAL B 162 -11.23 -22.49 10.58
N ASP B 163 -10.58 -22.14 9.47
CA ASP B 163 -11.20 -22.23 8.12
C ASP B 163 -11.56 -23.67 7.77
N ARG B 164 -10.86 -24.62 8.41
CA ARG B 164 -11.05 -26.03 8.08
C ARG B 164 -11.95 -26.77 9.06
N VAL B 165 -12.38 -26.12 10.15
CA VAL B 165 -13.13 -26.79 11.21
C VAL B 165 -14.56 -27.05 10.70
N GLU B 166 -15.02 -28.27 10.86
CA GLU B 166 -16.31 -28.73 10.29
C GLU B 166 -17.49 -28.50 11.23
N ASN B 167 -17.30 -28.59 12.55
CA ASN B 167 -18.42 -28.34 13.48
C ASN B 167 -18.50 -26.83 13.80
N ARG B 168 -19.43 -26.15 13.17
CA ARG B 168 -19.46 -24.69 13.27
C ARG B 168 -19.93 -24.24 14.67
N LEU B 169 -20.79 -25.02 15.31
CA LEU B 169 -21.19 -24.68 16.69
C LEU B 169 -19.93 -24.66 17.56
N GLU B 170 -19.19 -25.75 17.57
CA GLU B 170 -17.96 -25.80 18.39
C GLU B 170 -16.95 -24.68 18.03
N LEU B 171 -16.80 -24.43 16.75
CA LEU B 171 -16.00 -23.29 16.26
C LEU B 171 -16.50 -21.99 16.89
N ASN B 172 -17.80 -21.73 16.78
CA ASN B 172 -18.32 -20.45 17.22
C ASN B 172 -18.26 -20.32 18.71
N GLU B 173 -18.51 -21.41 19.43
CA GLU B 173 -18.45 -21.37 20.90
C GLU B 173 -17.02 -21.07 21.37
N ALA B 174 -16.01 -21.71 20.74
CA ALA B 174 -14.62 -21.48 21.16
C ALA B 174 -14.15 -20.06 20.83
N LEU B 175 -14.40 -19.58 19.61
CA LEU B 175 -14.06 -18.19 19.25
C LEU B 175 -14.74 -17.18 20.21
N ASP B 176 -16.04 -17.36 20.43
CA ASP B 176 -16.79 -16.54 21.40
C ASP B 176 -16.15 -16.46 22.77
N LYS B 177 -15.84 -17.62 23.37
CA LYS B 177 -15.26 -17.64 24.72
C LYS B 177 -13.84 -17.07 24.79
N LYS B 178 -13.16 -16.91 23.65
CA LYS B 178 -11.83 -16.32 23.65
C LYS B 178 -11.82 -14.95 22.99
N GLY B 179 -13.00 -14.41 22.71
CA GLY B 179 -13.14 -13.01 22.28
C GLY B 179 -12.66 -12.80 20.85
N PHE B 180 -12.85 -13.81 20.02
CA PHE B 180 -12.58 -13.69 18.61
C PHE B 180 -13.88 -13.65 17.84
N ALA B 181 -13.79 -13.11 16.63
CA ALA B 181 -14.95 -12.86 15.77
C ALA B 181 -15.14 -13.98 14.76
N VAL B 182 -16.36 -14.52 14.74
CA VAL B 182 -16.67 -15.63 13.87
C VAL B 182 -16.62 -15.18 12.38
N GLN B 183 -16.85 -13.87 12.16
CA GLN B 183 -16.86 -13.27 10.85
C GLN B 183 -15.47 -13.27 10.21
N ALA B 184 -14.43 -13.41 11.05
CA ALA B 184 -13.02 -13.44 10.62
C ALA B 184 -12.62 -14.75 9.92
N VAL B 185 -13.45 -15.80 10.10
CA VAL B 185 -13.19 -17.12 9.53
C VAL B 185 -13.50 -17.09 8.03
N ARG B 186 -12.69 -17.77 7.23
CA ARG B 186 -12.85 -17.87 5.78
C ARG B 186 -13.05 -19.34 5.34
N PRO B 187 -13.83 -19.48 4.23
N PRO B 187 -14.32 -19.77 5.47
CA PRO B 187 -13.97 -20.79 3.55
CA PRO B 187 -14.35 -21.24 5.54
C PRO B 187 -12.66 -21.42 3.01
C PRO B 187 -14.60 -21.78 4.15
N VAL C 5 -0.36 22.62 33.36
CA VAL C 5 0.06 22.60 31.93
C VAL C 5 -0.99 22.21 30.86
N ALA C 6 -0.72 22.62 29.62
CA ALA C 6 -1.34 22.01 28.49
C ALA C 6 -0.19 21.33 27.75
N ILE C 7 -0.33 20.02 27.57
CA ILE C 7 0.65 19.23 26.82
C ILE C 7 0.69 19.69 25.37
N ARG C 8 1.90 19.77 24.84
CA ARG C 8 2.11 20.02 23.44
C ARG C 8 3.25 19.17 22.98
N VAL C 9 3.21 18.72 21.73
CA VAL C 9 4.38 18.08 21.14
C VAL C 9 4.67 18.65 19.77
N ALA C 10 5.91 18.54 19.34
CA ALA C 10 6.31 18.90 17.96
C ALA C 10 5.40 18.23 16.95
N LYS C 11 4.79 19.00 16.06
CA LYS C 11 3.83 18.49 15.10
C LYS C 11 4.51 18.04 13.83
N LYS C 12 5.30 16.96 13.93
CA LYS C 12 6.27 16.58 12.89
C LYS C 12 5.92 15.18 12.39
N LYS C 13 6.27 14.89 11.14
CA LYS C 13 6.24 13.51 10.65
C LYS C 13 7.45 12.74 11.17
N LEU C 14 7.19 11.60 11.81
CA LEU C 14 8.24 10.71 12.32
C LEU C 14 8.44 9.47 11.44
N ALA C 15 9.70 9.09 11.27
CA ALA C 15 10.02 7.88 10.49
C ALA C 15 9.43 6.69 11.19
N LYS C 16 9.69 6.59 12.50
CA LYS C 16 9.09 5.57 13.35
C LYS C 16 8.20 6.25 14.40
N PRO C 17 6.88 6.26 14.19
CA PRO C 17 5.96 6.71 15.22
C PRO C 17 6.10 5.83 16.45
N PRO C 18 5.93 6.42 17.63
CA PRO C 18 6.28 5.68 18.85
C PRO C 18 5.30 4.56 19.18
N LEU C 19 4.07 4.69 18.70
CA LEU C 19 3.04 3.66 18.85
C LEU C 19 2.55 3.14 17.49
N ASP C 20 1.99 1.92 17.46
CA ASP C 20 1.61 1.29 16.19
C ASP C 20 0.12 1.28 16.01
N LEU C 21 -0.33 1.74 14.84
CA LEU C 21 -1.76 1.75 14.54
C LEU C 21 -2.26 0.30 14.34
N HIS C 22 -3.52 0.04 14.67
CA HIS C 22 -4.18 -1.23 14.38
C HIS C 22 -5.27 -0.96 13.39
N TYR C 23 -5.52 -1.95 12.53
CA TYR C 23 -6.38 -1.71 11.38
C TYR C 23 -7.65 -2.57 11.36
N LEU C 24 -8.65 -2.10 10.61
CA LEU C 24 -9.92 -2.78 10.49
C LEU C 24 -9.73 -4.27 10.37
N GLY C 25 -10.39 -5.01 11.25
CA GLY C 25 -10.32 -6.45 11.36
C GLY C 25 -9.65 -6.86 12.68
N ASP C 26 -8.73 -6.02 13.14
CA ASP C 26 -8.00 -6.27 14.39
C ASP C 26 -9.01 -6.19 15.55
N ARG C 27 -9.10 -7.20 16.39
CA ARG C 27 -10.08 -7.13 17.47
C ARG C 27 -9.81 -6.02 18.51
N VAL C 28 -8.61 -5.45 18.56
CA VAL C 28 -8.32 -4.41 19.59
C VAL C 28 -9.19 -3.17 19.33
N LEU C 29 -9.62 -3.02 18.07
CA LEU C 29 -10.51 -1.91 17.68
C LEU C 29 -11.95 -2.12 18.13
N ARG C 30 -12.30 -3.31 18.59
CA ARG C 30 -13.68 -3.63 18.95
C ARG C 30 -13.85 -3.76 20.45
N GLN C 31 -12.83 -3.40 21.23
CA GLN C 31 -12.82 -3.58 22.68
C GLN C 31 -13.24 -2.31 23.35
N PRO C 32 -14.33 -2.34 24.14
CA PRO C 32 -14.74 -1.11 24.84
C PRO C 32 -13.71 -0.66 25.87
N ALA C 33 -13.24 0.58 25.76
CA ALA C 33 -12.07 1.03 26.53
C ALA C 33 -12.41 1.16 28.02
N LYS C 34 -11.44 0.86 28.87
CA LYS C 34 -11.60 0.92 30.32
C LYS C 34 -11.25 2.33 30.88
N ARG C 35 -11.88 2.67 32.02
CA ARG C 35 -11.69 3.94 32.70
C ARG C 35 -10.23 4.12 33.07
N VAL C 36 -9.73 5.34 32.98
CA VAL C 36 -8.36 5.67 33.38
C VAL C 36 -8.44 6.00 34.84
N SER C 37 -7.73 5.26 35.69
CA SER C 37 -7.77 5.54 37.10
C SER C 37 -6.55 6.34 37.60
N ARG C 38 -5.49 6.43 36.81
CA ARG C 38 -4.26 7.14 37.21
C ARG C 38 -3.87 8.16 36.17
N ILE C 39 -4.09 9.43 36.48
CA ILE C 39 -3.61 10.50 35.64
C ILE C 39 -2.26 11.01 36.13
N ASP C 40 -1.20 10.38 35.66
CA ASP C 40 0.12 10.57 36.25
C ASP C 40 1.14 10.81 35.15
N ASP C 41 2.41 10.84 35.54
CA ASP C 41 3.47 11.13 34.59
C ASP C 41 3.51 10.06 33.50
N GLU C 42 3.24 8.81 33.87
CA GLU C 42 3.24 7.71 32.89
C GLU C 42 2.13 7.91 31.85
N LEU C 43 0.92 8.27 32.28
CA LEU C 43 -0.17 8.58 31.34
C LEU C 43 0.14 9.75 30.40
N ARG C 44 0.76 10.81 30.95
CA ARG C 44 1.11 11.98 30.16
C ARG C 44 2.15 11.69 29.07
N GLN C 45 3.02 10.72 29.33
CA GLN C 45 3.95 10.28 28.29
C GLN C 45 3.22 9.49 27.20
N THR C 46 2.25 8.68 27.57
CA THR C 46 1.43 8.00 26.58
C THR C 46 0.68 9.02 25.68
N ILE C 47 0.19 10.10 26.30
CA ILE C 47 -0.53 11.17 25.58
C ILE C 47 0.37 11.80 24.55
N ARG C 48 1.61 12.10 24.95
CA ARG C 48 2.61 12.64 24.03
C ARG C 48 2.88 11.71 22.85
N GLN C 49 3.02 10.42 23.16
CA GLN C 49 3.25 9.42 22.13
C GLN C 49 2.05 9.29 21.19
N MET C 50 0.84 9.39 21.74
CA MET C 50 -0.36 9.34 20.91
C MET C 50 -0.40 10.53 19.97
N LEU C 51 -0.15 11.71 20.51
CA LEU C 51 -0.09 12.90 19.67
C LEU C 51 0.94 12.77 18.56
N GLN C 52 2.13 12.27 18.88
CA GLN C 52 3.19 12.10 17.86
C GLN C 52 2.74 11.12 16.81
N THR C 53 2.08 10.05 17.24
CA THR C 53 1.62 9.02 16.32
C THR C 53 0.53 9.65 15.40
N MET C 54 -0.39 10.43 15.96
CA MET C 54 -1.44 11.12 15.19
C MET C 54 -0.87 12.11 14.15
N TYR C 55 0.05 12.97 14.55
CA TYR C 55 0.67 13.91 13.61
C TYR C 55 1.38 13.19 12.49
N SER C 56 2.14 12.14 12.82
CA SER C 56 2.93 11.41 11.84
C SER C 56 2.07 10.78 10.76
N ALA C 57 0.88 10.34 11.15
CA ALA C 57 -0.07 9.72 10.23
C ALA C 57 -1.04 10.73 9.64
N ASP C 58 -0.88 12.02 9.97
CA ASP C 58 -1.71 13.10 9.46
C ASP C 58 -3.17 13.00 9.85
N GLY C 59 -3.42 12.61 11.10
CA GLY C 59 -4.76 12.52 11.65
C GLY C 59 -5.09 13.81 12.37
N ILE C 60 -6.37 14.09 12.56
CA ILE C 60 -6.77 15.24 13.36
C ILE C 60 -7.24 14.73 14.73
N GLY C 61 -7.22 13.41 14.92
CA GLY C 61 -7.60 12.77 16.18
C GLY C 61 -7.03 11.37 16.25
N LEU C 62 -6.89 10.86 17.47
CA LEU C 62 -6.50 9.49 17.78
C LEU C 62 -7.09 9.03 19.13
N ALA C 63 -7.72 7.85 19.14
CA ALA C 63 -8.23 7.21 20.32
C ALA C 63 -7.31 6.11 20.73
N ALA C 64 -7.13 5.89 22.04
CA ALA C 64 -6.09 4.96 22.49
C ALA C 64 -6.27 3.53 21.99
N PRO C 65 -7.52 3.03 21.85
CA PRO C 65 -7.68 1.68 21.24
C PRO C 65 -7.05 1.48 19.85
N GLN C 66 -6.96 2.55 19.04
CA GLN C 66 -6.29 2.49 17.74
C GLN C 66 -4.82 2.14 17.84
N VAL C 67 -4.20 2.43 18.99
CA VAL C 67 -2.82 2.02 19.19
C VAL C 67 -2.67 0.85 20.16
N GLY C 68 -3.72 0.08 20.38
CA GLY C 68 -3.65 -1.13 21.23
C GLY C 68 -3.63 -0.83 22.72
N ILE C 69 -4.10 0.35 23.11
CA ILE C 69 -4.14 0.76 24.50
C ILE C 69 -5.62 0.86 24.92
N ASN C 70 -5.99 0.03 25.88
CA ASN C 70 -7.38 -0.18 26.24
C ASN C 70 -7.85 0.82 27.27
N LYS C 71 -7.74 2.08 26.94
CA LYS C 71 -8.00 3.18 27.89
C LYS C 71 -8.89 4.23 27.24
N GLN C 72 -9.72 4.88 28.07
CA GLN C 72 -10.60 5.99 27.66
C GLN C 72 -9.81 7.28 27.53
N LEU C 73 -9.08 7.33 26.43
CA LEU C 73 -8.12 8.38 26.17
C LEU C 73 -8.14 8.75 24.67
N ILE C 74 -8.31 10.06 24.45
CA ILE C 74 -8.44 10.65 23.13
C ILE C 74 -7.55 11.88 23.06
N VAL C 75 -6.88 12.06 21.92
CA VAL C 75 -6.25 13.36 21.58
C VAL C 75 -6.78 13.87 20.24
N ILE C 76 -6.89 15.19 20.12
CA ILE C 76 -7.49 15.87 18.98
C ILE C 76 -6.72 17.17 18.71
N ASP C 77 -6.39 17.39 17.46
CA ASP C 77 -5.81 18.63 17.03
C ASP C 77 -6.19 18.88 15.58
N LEU C 78 -7.15 19.79 15.38
CA LEU C 78 -7.61 20.10 14.05
C LEU C 78 -6.80 21.21 13.43
N GLU C 79 -5.90 21.82 14.20
CA GLU C 79 -5.54 23.21 13.94
C GLU C 79 -4.68 23.21 12.71
N LEU C 80 -4.96 24.20 11.86
CA LEU C 80 -4.11 24.53 10.74
C LEU C 80 -3.36 25.88 10.89
N GLU C 81 -3.97 26.87 11.52
CA GLU C 81 -3.41 28.23 11.45
C GLU C 81 -2.35 28.48 12.52
N ASP C 82 -2.73 28.34 13.79
CA ASP C 82 -1.76 28.52 14.91
C ASP C 82 -0.94 27.24 15.01
N GLU C 83 0.29 27.27 14.47
CA GLU C 83 1.05 26.02 14.32
C GLU C 83 1.44 25.39 15.69
N GLN C 84 1.42 26.19 16.76
CA GLN C 84 1.74 25.74 18.12
C GLN C 84 0.51 25.73 19.07
N ALA C 85 -0.70 25.76 18.51
CA ALA C 85 -1.93 25.66 19.32
C ALA C 85 -1.94 24.33 20.04
N PRO C 86 -2.33 24.30 21.33
CA PRO C 86 -2.29 23.02 22.03
C PRO C 86 -3.44 22.12 21.54
N PRO C 87 -3.26 20.80 21.57
CA PRO C 87 -4.31 19.85 21.19
C PRO C 87 -5.38 19.75 22.29
N LEU C 88 -6.52 19.14 22.01
CA LEU C 88 -7.44 18.77 23.08
C LEU C 88 -7.19 17.33 23.53
N VAL C 89 -7.05 17.13 24.83
CA VAL C 89 -6.82 15.82 25.42
C VAL C 89 -8.02 15.49 26.30
N LEU C 90 -8.68 14.37 26.01
CA LEU C 90 -9.85 13.93 26.77
C LEU C 90 -9.57 12.63 27.49
N ILE C 91 -9.77 12.66 28.80
CA ILE C 91 -9.60 11.46 29.62
C ILE C 91 -10.97 11.15 30.24
N ASN C 92 -11.35 9.88 30.14
CA ASN C 92 -12.67 9.39 30.59
C ASN C 92 -13.80 10.30 30.13
N PRO C 93 -13.84 10.66 28.83
CA PRO C 93 -14.95 11.51 28.38
C PRO C 93 -16.30 10.82 28.43
N LYS C 94 -17.34 11.62 28.59
CA LYS C 94 -18.70 11.16 28.57
C LYS C 94 -19.51 12.10 27.71
N ILE C 95 -20.27 11.56 26.76
CA ILE C 95 -21.19 12.40 26.00
C ILE C 95 -22.36 12.75 26.93
N GLU C 96 -22.56 14.05 27.13
CA GLU C 96 -23.61 14.57 28.01
C GLU C 96 -24.88 14.85 27.21
N ARG C 97 -24.72 15.27 25.95
CA ARG C 97 -25.83 15.42 25.01
C ARG C 97 -25.32 15.53 23.59
N THR C 98 -26.19 15.20 22.65
CA THR C 98 -25.99 15.56 21.25
C THR C 98 -27.22 16.37 20.87
N ALA C 99 -27.09 17.22 19.85
CA ALA C 99 -28.22 18.00 19.39
C ALA C 99 -28.00 18.40 17.95
N GLY C 100 -29.04 19.00 17.35
CA GLY C 100 -28.95 19.51 15.99
C GLY C 100 -29.42 18.50 14.98
N ASP C 101 -29.37 18.86 13.70
CA ASP C 101 -29.71 17.91 12.63
C ASP C 101 -28.56 16.90 12.50
N LEU C 102 -28.86 15.75 11.92
CA LEU C 102 -27.81 14.83 11.44
C LEU C 102 -27.22 15.46 10.19
N GLU C 103 -25.94 15.77 10.22
CA GLU C 103 -25.28 16.31 9.07
C GLU C 103 -24.44 15.19 8.44
N GLN C 104 -24.57 15.02 7.13
CA GLN C 104 -23.85 13.99 6.40
C GLN C 104 -22.54 14.57 5.86
N CYS C 105 -21.43 13.94 6.18
CA CYS C 105 -20.13 14.40 5.69
C CYS C 105 -19.21 13.20 5.42
N GLN C 106 -18.25 13.38 4.54
CA GLN C 106 -17.26 12.35 4.26
C GLN C 106 -16.30 12.21 5.44
N GLU C 107 -15.96 10.98 5.84
CA GLU C 107 -14.94 10.71 6.86
C GLU C 107 -14.02 9.61 6.42
N GLY C 108 -12.82 9.64 6.96
CA GLY C 108 -11.91 8.49 6.94
C GLY C 108 -11.38 8.27 8.34
N CYS C 109 -10.50 7.27 8.49
CA CYS C 109 -10.02 6.85 9.80
C CYS C 109 -8.61 6.31 9.63
N LEU C 110 -7.71 6.59 10.59
CA LEU C 110 -6.33 6.12 10.54
C LEU C 110 -6.26 4.60 10.58
N SER C 111 -7.30 3.98 11.14
CA SER C 111 -7.41 2.53 11.24
C SER C 111 -8.01 1.86 10.00
N ILE C 112 -8.48 2.67 9.04
CA ILE C 112 -9.04 2.19 7.77
C ILE C 112 -8.48 3.03 6.61
N PRO C 113 -7.13 3.04 6.45
CA PRO C 113 -6.52 4.03 5.51
C PRO C 113 -6.98 3.87 4.09
N GLY C 114 -7.24 5.03 3.47
CA GLY C 114 -7.65 5.14 2.09
C GLY C 114 -9.15 5.03 1.89
N VAL C 115 -9.92 4.75 2.94
CA VAL C 115 -11.37 4.59 2.79
C VAL C 115 -12.09 5.88 3.26
N TYR C 116 -12.88 6.50 2.37
CA TYR C 116 -13.63 7.71 2.72
C TYR C 116 -15.06 7.54 2.28
N LEU C 117 -16.00 7.72 3.21
CA LEU C 117 -17.41 7.46 2.94
C LEU C 117 -18.26 8.44 3.76
N ASP C 118 -19.52 8.58 3.39
CA ASP C 118 -20.44 9.47 4.09
C ASP C 118 -20.92 8.86 5.39
N VAL C 119 -20.93 9.69 6.43
CA VAL C 119 -21.45 9.32 7.72
C VAL C 119 -22.35 10.45 8.25
N GLU C 120 -23.45 10.08 8.87
CA GLU C 120 -24.31 11.10 9.48
C GLU C 120 -24.05 11.20 10.97
N ARG C 121 -23.85 12.42 11.46
CA ARG C 121 -23.70 12.64 12.89
C ARG C 121 -24.44 13.92 13.34
N PRO C 122 -24.83 13.98 14.61
CA PRO C 122 -25.36 15.24 15.14
C PRO C 122 -24.36 16.37 15.00
N GLU C 123 -24.86 17.58 14.71
CA GLU C 123 -24.04 18.78 14.54
C GLU C 123 -23.31 19.22 15.78
N ILE C 124 -23.94 18.98 16.93
CA ILE C 124 -23.48 19.49 18.21
C ILE C 124 -23.28 18.36 19.19
N VAL C 125 -22.22 18.43 19.97
CA VAL C 125 -22.02 17.47 21.05
C VAL C 125 -21.48 18.17 22.27
N GLU C 126 -21.91 17.72 23.45
CA GLU C 126 -21.32 18.18 24.70
C GLU C 126 -20.67 17.00 25.39
N VAL C 127 -19.43 17.20 25.81
CA VAL C 127 -18.68 16.18 26.52
CA VAL C 127 -18.70 16.18 26.52
C VAL C 127 -18.14 16.71 27.84
N SER C 128 -18.23 15.89 28.88
CA SER C 128 -17.51 16.10 30.12
C SER C 128 -16.29 15.18 30.10
N TYR C 129 -15.23 15.62 30.75
CA TYR C 129 -13.99 14.86 30.75
C TYR C 129 -13.03 15.41 31.77
N LYS C 130 -11.90 14.72 31.96
CA LYS C 130 -10.77 15.27 32.67
C LYS C 130 -9.64 15.58 31.70
N ASP C 131 -8.92 16.64 32.00
CA ASP C 131 -7.75 16.98 31.23
C ASP C 131 -6.51 16.23 31.71
N GLU C 132 -5.39 16.44 31.02
CA GLU C 132 -4.16 15.75 31.42
C GLU C 132 -3.66 16.11 32.82
N ASN C 133 -4.25 17.12 33.46
CA ASN C 133 -3.94 17.46 34.88
C ASN C 133 -4.94 16.93 35.88
N GLY C 134 -5.90 16.17 35.40
CA GLY C 134 -6.87 15.54 36.28
C GLY C 134 -8.00 16.47 36.64
N ARG C 135 -8.07 17.62 35.98
CA ARG C 135 -9.09 18.63 36.30
C ARG C 135 -10.33 18.41 35.40
N PRO C 136 -11.53 18.45 36.02
CA PRO C 136 -12.74 18.20 35.27
C PRO C 136 -13.02 19.37 34.33
N GLN C 137 -13.49 19.08 33.13
CA GLN C 137 -13.78 20.08 32.14
C GLN C 137 -15.06 19.65 31.44
N ARG C 138 -15.67 20.57 30.71
CA ARG C 138 -16.84 20.29 29.91
C ARG C 138 -16.72 21.17 28.69
N LEU C 139 -17.24 20.69 27.58
CA LEU C 139 -17.07 21.37 26.33
C LEU C 139 -18.27 21.13 25.43
N VAL C 140 -18.76 22.18 24.77
CA VAL C 140 -19.82 22.05 23.77
C VAL C 140 -19.24 22.40 22.42
N ALA C 141 -19.27 21.45 21.51
CA ALA C 141 -18.62 21.57 20.24
C ALA C 141 -19.64 21.52 19.10
N ASP C 142 -19.35 22.24 18.01
CA ASP C 142 -20.01 22.07 16.74
C ASP C 142 -18.97 21.84 15.63
N GLY C 143 -19.44 21.85 14.38
CA GLY C 143 -18.59 21.74 13.23
C GLY C 143 -17.70 20.51 13.29
N LEU C 144 -16.52 20.64 12.69
CA LEU C 144 -15.60 19.53 12.57
C LEU C 144 -15.19 18.99 13.94
N LEU C 145 -15.01 19.88 14.93
CA LEU C 145 -14.59 19.43 16.26
C LEU C 145 -15.59 18.40 16.80
N ALA C 146 -16.88 18.74 16.65
CA ALA C 146 -17.99 17.88 17.12
C ALA C 146 -17.99 16.54 16.42
N ARG C 147 -17.73 16.57 15.11
CA ARG C 147 -17.61 15.36 14.30
C ARG C 147 -16.40 14.52 14.73
N CYS C 148 -15.28 15.17 14.98
CA CYS C 148 -14.11 14.43 15.39
CA CYS C 148 -14.06 14.47 15.44
C CYS C 148 -14.33 13.83 16.80
N ILE C 149 -14.85 14.62 17.73
CA ILE C 149 -15.12 14.09 19.05
C ILE C 149 -15.99 12.85 18.98
N GLN C 150 -17.07 12.86 18.20
CA GLN C 150 -17.99 11.73 18.13
C GLN C 150 -17.37 10.49 17.43
N HIS C 151 -16.59 10.71 16.38
CA HIS C 151 -15.73 9.65 15.82
C HIS C 151 -14.85 9.02 16.88
N GLU C 152 -14.15 9.82 17.68
CA GLU C 152 -13.21 9.26 18.66
C GLU C 152 -13.95 8.56 19.81
N MET C 153 -15.07 9.11 20.26
CA MET C 153 -15.84 8.43 21.31
C MET C 153 -16.34 7.05 20.81
N ASP C 154 -16.73 7.01 19.53
CA ASP C 154 -17.10 5.77 18.91
C ASP C 154 -15.95 4.75 19.08
N HIS C 155 -14.71 5.14 18.82
CA HIS C 155 -13.57 4.26 19.01
C HIS C 155 -13.47 3.72 20.41
N LEU C 156 -13.79 4.55 21.39
CA LEU C 156 -13.70 4.08 22.78
C LEU C 156 -14.77 3.04 23.10
N ASN C 157 -15.83 3.01 22.29
CA ASN C 157 -16.83 1.99 22.41
C ASN C 157 -16.65 0.82 21.47
N GLY C 158 -15.52 0.73 20.79
CA GLY C 158 -15.31 -0.32 19.78
C GLY C 158 -16.16 -0.18 18.51
N VAL C 159 -16.54 1.07 18.16
CA VAL C 159 -17.39 1.37 16.98
C VAL C 159 -16.50 2.11 16.00
N LEU C 160 -16.60 1.73 14.73
CA LEU C 160 -15.79 2.31 13.64
C LEU C 160 -16.76 2.97 12.66
N PHE C 161 -16.30 3.98 11.91
CA PHE C 161 -17.23 4.80 11.11
C PHE C 161 -17.90 4.02 10.01
N VAL C 162 -17.25 2.94 9.56
CA VAL C 162 -17.84 2.08 8.56
C VAL C 162 -19.12 1.41 9.08
N ASP C 163 -19.19 1.22 10.39
CA ASP C 163 -20.41 0.67 11.01
C ASP C 163 -21.62 1.57 10.84
N ARG C 164 -21.40 2.86 10.54
CA ARG C 164 -22.50 3.83 10.44
C ARG C 164 -22.80 4.16 8.98
N VAL C 165 -22.10 3.56 8.04
CA VAL C 165 -22.29 3.91 6.63
C VAL C 165 -23.56 3.22 6.13
N GLU C 166 -24.45 3.99 5.50
CA GLU C 166 -25.79 3.50 5.13
C GLU C 166 -25.82 2.77 3.77
N ASN C 167 -24.97 3.18 2.83
CA ASN C 167 -25.05 2.63 1.48
C ASN C 167 -24.13 1.41 1.39
N ARG C 168 -24.70 0.19 1.45
CA ARG C 168 -23.90 -1.07 1.50
C ARG C 168 -22.99 -1.27 0.30
N LEU C 169 -23.49 -0.95 -0.89
CA LEU C 169 -22.73 -1.11 -2.13
C LEU C 169 -21.49 -0.20 -2.17
N GLU C 170 -21.68 1.05 -1.77
CA GLU C 170 -20.55 1.99 -1.65
C GLU C 170 -19.54 1.54 -0.61
N LEU C 171 -20.04 1.12 0.55
CA LEU C 171 -19.16 0.68 1.64
C LEU C 171 -18.32 -0.46 1.10
N ASN C 172 -19.00 -1.45 0.57
CA ASN C 172 -18.34 -2.62 0.03
C ASN C 172 -17.29 -2.33 -1.03
N GLU C 173 -17.66 -1.52 -2.00
CA GLU C 173 -16.73 -1.21 -3.09
C GLU C 173 -15.50 -0.45 -2.53
N ALA C 174 -15.70 0.47 -1.57
CA ALA C 174 -14.57 1.24 -1.01
C ALA C 174 -13.65 0.35 -0.20
N LEU C 175 -14.22 -0.61 0.53
CA LEU C 175 -13.40 -1.50 1.32
C LEU C 175 -12.61 -2.45 0.39
N ASP C 176 -13.25 -2.96 -0.64
CA ASP C 176 -12.59 -3.94 -1.52
C ASP C 176 -11.39 -3.28 -2.19
N LYS C 177 -11.54 -2.00 -2.52
CA LYS C 177 -10.52 -1.32 -3.31
C LYS C 177 -9.31 -0.89 -2.44
N LYS C 178 -9.43 -1.06 -1.13
CA LYS C 178 -8.30 -0.83 -0.21
C LYS C 178 -7.89 -2.08 0.58
N GLY C 179 -8.39 -3.24 0.16
CA GLY C 179 -7.95 -4.52 0.70
C GLY C 179 -8.47 -4.86 2.09
N PHE C 180 -9.56 -4.25 2.51
CA PHE C 180 -10.17 -4.62 3.78
C PHE C 180 -11.39 -5.53 3.58
N ALA C 181 -11.75 -6.29 4.61
CA ALA C 181 -12.86 -7.21 4.55
C ALA C 181 -14.17 -6.56 5.03
N VAL C 182 -15.21 -6.65 4.22
CA VAL C 182 -16.52 -6.15 4.56
C VAL C 182 -17.11 -6.91 5.75
N GLN C 183 -16.67 -8.15 5.94
CA GLN C 183 -17.07 -8.93 7.12
C GLN C 183 -16.58 -8.32 8.46
N ALA C 184 -15.58 -7.44 8.43
CA ALA C 184 -15.03 -6.80 9.64
C ALA C 184 -15.91 -5.65 10.14
N VAL C 185 -16.91 -5.28 9.34
CA VAL C 185 -17.83 -4.22 9.72
C VAL C 185 -18.88 -4.80 10.67
N ARG C 186 -19.31 -3.97 11.60
CA ARG C 186 -20.36 -4.30 12.55
C ARG C 186 -21.42 -3.19 12.52
N PRO C 187 -22.38 -3.25 11.58
CA PRO C 187 -23.38 -2.19 11.37
C PRO C 187 -24.10 -1.92 12.67
N VAL C 188 -24.28 -0.64 13.04
CA VAL C 188 -24.75 -0.27 14.41
C VAL C 188 -26.26 -0.47 14.53
N VAL D 5 9.96 34.94 4.90
CA VAL D 5 8.48 34.73 5.06
C VAL D 5 7.77 34.30 3.79
N ALA D 6 7.74 35.18 2.77
CA ALA D 6 7.00 34.90 1.51
C ALA D 6 7.94 34.33 0.44
N ILE D 7 7.56 33.18 -0.08
CA ILE D 7 8.39 32.39 -0.99
C ILE D 7 8.42 33.05 -2.35
N ARG D 8 9.62 33.41 -2.82
CA ARG D 8 9.77 33.95 -4.17
C ARG D 8 10.48 32.92 -5.05
N VAL D 9 9.73 32.30 -5.96
CA VAL D 9 10.31 31.35 -6.88
C VAL D 9 10.45 32.00 -8.26
N ALA D 10 11.66 31.99 -8.81
CA ALA D 10 11.89 32.64 -10.10
C ALA D 10 11.05 31.94 -11.19
N LYS D 11 10.51 32.71 -12.13
CA LYS D 11 9.64 32.15 -13.17
C LYS D 11 10.50 31.63 -14.34
N LYS D 12 11.33 30.65 -14.02
CA LYS D 12 12.44 30.25 -14.88
C LYS D 12 12.51 28.70 -14.94
N LYS D 13 12.80 28.18 -16.13
CA LYS D 13 12.91 26.76 -16.35
C LYS D 13 14.21 26.30 -15.70
N LEU D 14 14.16 25.15 -15.03
CA LEU D 14 15.37 24.45 -14.60
C LEU D 14 15.62 23.27 -15.51
N ALA D 15 16.89 22.98 -15.78
CA ALA D 15 17.26 21.81 -16.56
C ALA D 15 16.85 20.51 -15.85
N LYS D 16 16.97 20.46 -14.52
CA LYS D 16 16.59 19.27 -13.71
C LYS D 16 15.49 19.66 -12.67
N PRO D 17 14.20 19.64 -13.08
CA PRO D 17 13.17 20.02 -12.11
C PRO D 17 13.22 19.11 -10.88
N PRO D 18 12.84 19.62 -9.72
CA PRO D 18 13.07 18.82 -8.50
C PRO D 18 12.01 17.71 -8.29
N LEU D 19 10.89 17.81 -9.00
CA LEU D 19 9.84 16.82 -8.94
C LEU D 19 9.57 16.26 -10.33
N ASP D 20 9.17 15.00 -10.40
CA ASP D 20 8.88 14.36 -11.68
C ASP D 20 7.40 14.37 -11.97
N LEU D 21 7.05 14.66 -13.22
CA LEU D 21 5.66 14.64 -13.65
C LEU D 21 5.22 13.21 -13.95
N HIS D 22 3.95 12.94 -13.74
CA HIS D 22 3.35 11.65 -14.05
C HIS D 22 2.33 11.88 -15.15
N TYR D 23 2.13 10.86 -15.98
CA TYR D 23 1.43 11.03 -17.24
C TYR D 23 0.20 10.11 -17.37
N LEU D 24 -0.74 10.51 -18.23
CA LEU D 24 -1.99 9.79 -18.46
C LEU D 24 -1.76 8.29 -18.51
N GLY D 25 -2.50 7.56 -17.67
CA GLY D 25 -2.37 6.12 -17.53
C GLY D 25 -1.79 5.77 -16.16
N ASP D 26 -0.94 6.64 -15.64
CA ASP D 26 -0.34 6.44 -14.33
C ASP D 26 -1.42 6.54 -13.28
N ARG D 27 -1.48 5.54 -12.41
CA ARG D 27 -2.58 5.54 -11.44
C ARG D 27 -2.54 6.68 -10.41
N VAL D 28 -1.40 7.33 -10.22
CA VAL D 28 -1.34 8.43 -9.24
C VAL D 28 -2.30 9.56 -9.64
N LEU D 29 -2.60 9.69 -10.92
CA LEU D 29 -3.43 10.76 -11.40
C LEU D 29 -4.91 10.49 -11.14
N ARG D 30 -5.26 9.27 -10.72
CA ARG D 30 -6.64 8.89 -10.51
C ARG D 30 -6.93 8.75 -9.02
N GLN D 31 -5.95 8.99 -8.17
CA GLN D 31 -6.14 8.91 -6.72
C GLN D 31 -6.69 10.25 -6.18
N PRO D 32 -7.91 10.26 -5.61
CA PRO D 32 -8.42 11.45 -4.95
C PRO D 32 -7.48 11.94 -3.82
N ALA D 33 -7.14 13.22 -3.85
CA ALA D 33 -6.11 13.79 -2.99
C ALA D 33 -6.54 13.87 -1.54
N LYS D 34 -5.66 13.44 -0.66
CA LYS D 34 -5.94 13.47 0.78
C LYS D 34 -5.80 14.91 1.26
N ARG D 35 -6.64 15.28 2.22
CA ARG D 35 -6.66 16.61 2.78
CA ARG D 35 -6.63 16.63 2.74
C ARG D 35 -5.33 16.87 3.48
N VAL D 36 -4.84 18.11 3.37
CA VAL D 36 -3.63 18.55 4.03
C VAL D 36 -3.90 18.84 5.50
N SER D 37 -3.16 18.20 6.42
CA SER D 37 -3.43 18.36 7.86
C SER D 37 -2.65 19.46 8.56
N ARG D 38 -1.51 19.86 8.00
CA ARG D 38 -0.64 20.86 8.62
C ARG D 38 0.01 21.70 7.55
N ILE D 39 0.01 23.00 7.75
CA ILE D 39 0.59 23.89 6.77
C ILE D 39 1.90 24.39 7.35
N ASP D 40 2.97 23.64 7.12
CA ASP D 40 4.26 23.81 7.82
C ASP D 40 5.46 24.05 6.88
N ASP D 41 6.67 24.15 7.43
CA ASP D 41 7.92 24.30 6.66
C ASP D 41 8.21 23.28 5.51
N GLU D 42 7.93 21.99 5.72
CA GLU D 42 8.11 20.99 4.65
C GLU D 42 7.10 21.14 3.50
N LEU D 43 5.85 21.47 3.85
CA LEU D 43 4.84 21.78 2.86
C LEU D 43 5.23 23.00 2.05
N ARG D 44 5.86 23.98 2.72
CA ARG D 44 6.32 25.20 2.01
C ARG D 44 7.46 24.86 1.05
N GLN D 45 8.27 23.87 1.39
CA GLN D 45 9.22 23.36 0.41
C GLN D 45 8.53 22.72 -0.80
N THR D 46 7.51 21.91 -0.56
CA THR D 46 6.82 21.20 -1.64
C THR D 46 6.24 22.24 -2.61
N ILE D 47 5.66 23.29 -2.03
CA ILE D 47 5.11 24.40 -2.79
C ILE D 47 6.15 25.03 -3.72
N ARG D 48 7.34 25.29 -3.18
CA ARG D 48 8.47 25.82 -3.96
C ARG D 48 8.82 24.85 -5.08
N GLN D 49 8.83 23.57 -4.76
CA GLN D 49 9.22 22.57 -5.74
C GLN D 49 8.21 22.43 -6.88
N MET D 50 6.93 22.45 -6.52
CA MET D 50 5.86 22.35 -7.50
C MET D 50 5.94 23.56 -8.46
N LEU D 51 6.18 24.74 -7.90
CA LEU D 51 6.31 25.96 -8.71
C LEU D 51 7.46 25.83 -9.68
N GLN D 52 8.60 25.38 -9.20
CA GLN D 52 9.75 25.15 -10.05
C GLN D 52 9.45 24.15 -11.19
N THR D 53 8.74 23.09 -10.84
CA THR D 53 8.42 22.04 -11.77
C THR D 53 7.45 22.59 -12.82
N MET D 54 6.51 23.40 -12.37
CA MET D 54 5.51 24.04 -13.23
C MET D 54 6.14 24.99 -14.22
N TYR D 55 7.03 25.86 -13.75
CA TYR D 55 7.77 26.74 -14.63
C TYR D 55 8.63 25.97 -15.59
N SER D 56 9.22 24.86 -15.16
CA SER D 56 10.09 24.12 -16.06
C SER D 56 9.37 23.38 -17.18
N ALA D 57 8.06 23.15 -17.05
CA ALA D 57 7.29 22.44 -18.08
C ALA D 57 6.30 23.36 -18.75
N ASP D 58 6.49 24.66 -18.58
CA ASP D 58 5.69 25.69 -19.26
C ASP D 58 4.20 25.63 -18.90
N GLY D 59 3.89 25.40 -17.62
CA GLY D 59 2.50 25.37 -17.18
C GLY D 59 2.13 26.65 -16.50
N ILE D 60 0.82 26.89 -16.41
CA ILE D 60 0.26 28.02 -15.62
C ILE D 60 -0.39 27.50 -14.34
N GLY D 61 -0.36 26.18 -14.12
CA GLY D 61 -0.89 25.59 -12.89
C GLY D 61 -0.31 24.19 -12.70
N LEU D 62 -0.30 23.72 -11.46
CA LEU D 62 0.10 22.33 -11.17
C LEU D 62 -0.62 21.86 -9.92
N ALA D 63 -1.15 20.63 -9.95
CA ALA D 63 -1.81 19.98 -8.81
C ALA D 63 -0.89 18.86 -8.28
N ALA D 64 -0.83 18.72 -6.97
CA ALA D 64 0.10 17.80 -6.33
C ALA D 64 0.08 16.33 -6.84
N PRO D 65 -1.11 15.74 -7.08
CA PRO D 65 -1.14 14.39 -7.70
C PRO D 65 -0.40 14.25 -9.04
N GLN D 66 -0.20 15.35 -9.77
CA GLN D 66 0.57 15.31 -11.04
C GLN D 66 2.04 15.04 -10.80
N VAL D 67 2.50 15.35 -9.60
CA VAL D 67 3.87 15.02 -9.19
C VAL D 67 3.88 13.91 -8.14
N GLY D 68 2.81 13.12 -8.11
CA GLY D 68 2.72 11.97 -7.26
C GLY D 68 2.66 12.27 -5.79
N ILE D 69 2.23 13.48 -5.43
CA ILE D 69 2.08 13.87 -4.04
C ILE D 69 0.58 13.80 -3.72
N ASN D 70 0.21 12.99 -2.74
CA ASN D 70 -1.21 12.78 -2.44
C ASN D 70 -1.75 13.82 -1.44
N LYS D 71 -1.83 15.05 -1.93
CA LYS D 71 -2.28 16.17 -1.14
C LYS D 71 -3.20 17.10 -1.93
N GLN D 72 -4.17 17.68 -1.24
CA GLN D 72 -5.03 18.71 -1.81
C GLN D 72 -4.27 20.02 -1.84
N LEU D 73 -3.36 20.13 -2.80
CA LEU D 73 -2.49 21.28 -2.96
C LEU D 73 -2.36 21.62 -4.45
N ILE D 74 -2.60 22.89 -4.80
CA ILE D 74 -2.53 23.40 -6.15
C ILE D 74 -1.72 24.71 -6.17
N VAL D 75 -0.85 24.88 -7.15
CA VAL D 75 -0.19 26.16 -7.38
C VAL D 75 -0.62 26.66 -8.76
N ILE D 76 -0.87 27.96 -8.87
CA ILE D 76 -1.30 28.56 -10.15
C ILE D 76 -0.56 29.88 -10.35
N ASP D 77 -0.16 30.11 -11.60
CA ASP D 77 0.45 31.38 -12.00
C ASP D 77 0.18 31.71 -13.45
N LEU D 78 -0.83 32.54 -13.68
CA LEU D 78 -1.17 32.96 -15.04
C LEU D 78 -0.19 34.00 -15.56
N GLU D 79 0.50 34.71 -14.66
CA GLU D 79 1.23 35.93 -15.03
C GLU D 79 2.70 35.59 -15.18
N LEU D 80 2.99 34.68 -16.09
CA LEU D 80 4.34 34.17 -16.27
C LEU D 80 5.28 35.30 -16.66
N GLU D 81 4.76 36.27 -17.39
CA GLU D 81 5.53 37.40 -17.91
C GLU D 81 5.77 38.53 -16.91
N ASP D 82 5.08 38.51 -15.78
CA ASP D 82 5.34 39.45 -14.68
C ASP D 82 6.08 38.79 -13.51
N GLU D 83 7.37 39.11 -13.37
CA GLU D 83 8.23 38.45 -12.36
C GLU D 83 7.87 38.79 -10.91
N GLN D 84 7.27 39.95 -10.68
CA GLN D 84 6.80 40.34 -9.37
C GLN D 84 5.41 39.79 -9.03
N ALA D 85 4.67 39.23 -9.98
CA ALA D 85 3.31 38.77 -9.64
C ALA D 85 3.38 37.47 -8.83
N PRO D 86 2.87 37.47 -7.58
CA PRO D 86 2.93 36.24 -6.79
C PRO D 86 2.00 35.15 -7.31
N PRO D 87 2.39 33.86 -7.13
CA PRO D 87 1.49 32.78 -7.50
C PRO D 87 0.35 32.59 -6.51
N LEU D 88 -0.70 31.94 -6.98
CA LEU D 88 -1.83 31.60 -6.14
C LEU D 88 -1.57 30.19 -5.61
N VAL D 89 -1.70 29.99 -4.31
CA VAL D 89 -1.56 28.66 -3.70
C VAL D 89 -2.86 28.30 -3.00
N LEU D 90 -3.46 27.18 -3.40
CA LEU D 90 -4.70 26.71 -2.79
C LEU D 90 -4.44 25.45 -1.99
N ILE D 91 -4.72 25.49 -0.68
CA ILE D 91 -4.68 24.31 0.17
C ILE D 91 -6.07 23.89 0.60
N ASN D 92 -6.40 22.60 0.43
CA ASN D 92 -7.71 22.09 0.80
C ASN D 92 -8.83 22.93 0.14
N PRO D 93 -8.67 23.27 -1.14
CA PRO D 93 -9.73 24.06 -1.79
C PRO D 93 -11.06 23.31 -1.91
N LYS D 94 -12.15 24.06 -1.90
CA LYS D 94 -13.49 23.52 -2.19
C LYS D 94 -14.20 24.45 -3.13
N ILE D 95 -14.79 23.91 -4.20
CA ILE D 95 -15.67 24.70 -5.06
C ILE D 95 -16.97 24.93 -4.31
N GLU D 96 -17.27 26.19 -4.05
CA GLU D 96 -18.51 26.57 -3.36
C GLU D 96 -19.66 26.62 -4.38
N ARG D 97 -19.34 27.02 -5.60
CA ARG D 97 -20.34 27.02 -6.69
C ARG D 97 -19.70 27.40 -8.02
N THR D 98 -20.42 27.11 -9.09
CA THR D 98 -20.04 27.56 -10.43
C THR D 98 -21.19 28.38 -10.99
N ALA D 99 -20.87 29.23 -11.95
CA ALA D 99 -21.84 30.14 -12.51
C ALA D 99 -21.42 30.54 -13.93
N GLY D 100 -22.21 31.41 -14.55
CA GLY D 100 -21.99 31.83 -15.93
C GLY D 100 -22.47 30.79 -16.95
N ASP D 101 -22.23 31.05 -18.22
CA ASP D 101 -22.59 30.11 -19.26
C ASP D 101 -21.48 29.07 -19.33
N LEU D 102 -21.77 27.96 -19.99
CA LEU D 102 -20.76 26.99 -20.36
C LEU D 102 -19.96 27.57 -21.53
N GLU D 103 -18.65 27.47 -21.46
CA GLU D 103 -17.79 27.96 -22.52
C GLU D 103 -16.83 26.83 -22.86
N GLN D 104 -16.63 26.64 -24.15
CA GLN D 104 -15.77 25.58 -24.68
C GLN D 104 -14.48 26.21 -25.18
N CYS D 105 -13.36 25.79 -24.63
CA CYS D 105 -12.05 26.27 -24.95
C CYS D 105 -11.06 25.07 -25.01
N GLN D 106 -10.02 25.27 -25.81
CA GLN D 106 -8.95 24.30 -25.92
CA GLN D 106 -8.92 24.32 -25.91
C GLN D 106 -8.14 24.23 -24.62
N GLU D 107 -7.87 23.02 -24.15
CA GLU D 107 -7.00 22.81 -23.02
C GLU D 107 -5.92 21.79 -23.35
N GLY D 108 -4.77 21.95 -22.68
CA GLY D 108 -3.80 20.89 -22.54
C GLY D 108 -3.45 20.71 -21.06
N CYS D 109 -2.59 19.74 -20.78
CA CYS D 109 -2.23 19.35 -19.43
C CYS D 109 -0.78 18.87 -19.39
N LEU D 110 -0.06 19.27 -18.36
CA LEU D 110 1.34 18.82 -18.17
C LEU D 110 1.44 17.30 -18.03
N SER D 111 0.37 16.64 -17.61
CA SER D 111 0.35 15.18 -17.55
C SER D 111 -0.05 14.50 -18.89
N ILE D 112 -0.47 15.30 -19.89
CA ILE D 112 -0.84 14.72 -21.19
C ILE D 112 -0.16 15.61 -22.26
N PRO D 113 1.18 15.66 -22.22
CA PRO D 113 1.82 16.65 -23.09
C PRO D 113 1.53 16.46 -24.57
N GLY D 114 1.25 17.59 -25.25
CA GLY D 114 1.09 17.61 -26.71
C GLY D 114 -0.36 17.41 -27.14
N VAL D 115 -1.27 17.11 -26.18
CA VAL D 115 -2.68 16.83 -26.49
C VAL D 115 -3.50 18.05 -26.11
N TYR D 116 -4.21 18.61 -27.10
CA TYR D 116 -5.07 19.80 -26.95
C TYR D 116 -6.45 19.49 -27.49
N LEU D 117 -7.47 19.59 -26.66
CA LEU D 117 -8.82 19.29 -27.06
C LEU D 117 -9.73 20.32 -26.43
N ASP D 118 -10.92 20.47 -27.00
CA ASP D 118 -11.97 21.32 -26.44
C ASP D 118 -12.59 20.74 -25.17
N VAL D 119 -12.75 21.61 -24.18
CA VAL D 119 -13.35 21.26 -22.92
C VAL D 119 -14.38 22.35 -22.53
N GLU D 120 -15.60 21.94 -22.24
CA GLU D 120 -16.66 22.85 -21.91
C GLU D 120 -16.68 22.92 -20.39
N ARG D 121 -16.60 24.12 -19.81
CA ARG D 121 -16.74 24.27 -18.35
C ARG D 121 -17.60 25.50 -18.05
N PRO D 122 -18.12 25.62 -16.83
CA PRO D 122 -18.73 26.89 -16.40
C PRO D 122 -17.71 28.03 -16.47
N GLU D 123 -18.12 29.24 -16.87
CA GLU D 123 -17.15 30.32 -17.06
C GLU D 123 -16.66 30.91 -15.72
N ILE D 124 -17.46 30.77 -14.65
CA ILE D 124 -17.17 31.35 -13.34
C ILE D 124 -17.13 30.27 -12.27
N VAL D 125 -16.15 30.40 -11.39
CA VAL D 125 -16.06 29.54 -10.22
C VAL D 125 -15.76 30.33 -8.97
N GLU D 126 -16.27 29.84 -7.86
CA GLU D 126 -16.08 30.41 -6.52
C GLU D 126 -15.44 29.29 -5.69
N VAL D 127 -14.27 29.56 -5.12
CA VAL D 127 -13.54 28.55 -4.36
CA VAL D 127 -13.50 28.56 -4.38
C VAL D 127 -13.14 29.08 -2.97
N SER D 128 -13.34 28.26 -1.94
CA SER D 128 -12.77 28.56 -0.62
C SER D 128 -11.55 27.67 -0.42
N TYR D 129 -10.57 28.19 0.31
CA TYR D 129 -9.34 27.48 0.50
C TYR D 129 -8.54 28.06 1.69
N LYS D 130 -7.40 27.44 1.94
CA LYS D 130 -6.41 27.94 2.86
C LYS D 130 -5.19 28.30 2.03
N ASP D 131 -4.61 29.44 2.35
CA ASP D 131 -3.39 29.88 1.70
C ASP D 131 -2.15 29.26 2.37
N GLU D 132 -0.97 29.66 1.88
CA GLU D 132 0.29 29.06 2.31
C GLU D 132 0.62 29.34 3.79
N ASN D 133 -0.06 30.31 4.40
CA ASN D 133 0.11 30.60 5.84
C ASN D 133 -0.99 30.00 6.69
N GLY D 134 -1.91 29.29 6.04
CA GLY D 134 -3.00 28.60 6.73
C GLY D 134 -4.24 29.44 6.97
N ARG D 135 -4.29 30.62 6.35
CA ARG D 135 -5.38 31.57 6.57
C ARG D 135 -6.51 31.23 5.61
N PRO D 136 -7.74 31.03 6.15
CA PRO D 136 -8.89 30.84 5.26
C PRO D 136 -9.07 32.00 4.27
N GLN D 137 -9.45 31.68 3.03
CA GLN D 137 -9.65 32.66 1.99
C GLN D 137 -10.77 32.18 1.02
N ARG D 138 -11.25 33.08 0.17
CA ARG D 138 -12.12 32.67 -0.92
C ARG D 138 -11.88 33.52 -2.12
N LEU D 139 -12.20 32.99 -3.29
CA LEU D 139 -11.88 33.64 -4.55
C LEU D 139 -13.02 33.38 -5.54
N VAL D 140 -13.43 34.45 -6.23
CA VAL D 140 -14.33 34.30 -7.38
C VAL D 140 -13.50 34.62 -8.62
N ALA D 141 -13.60 33.76 -9.64
CA ALA D 141 -12.74 33.77 -10.81
C ALA D 141 -13.56 33.55 -12.06
N ASP D 142 -13.12 34.18 -13.15
CA ASP D 142 -13.66 33.96 -14.47
C ASP D 142 -12.52 33.80 -15.49
N GLY D 143 -12.88 33.67 -16.78
CA GLY D 143 -11.87 33.55 -17.84
C GLY D 143 -10.87 32.42 -17.60
N LEU D 144 -9.63 32.66 -18.01
CA LEU D 144 -8.57 31.64 -17.93
C LEU D 144 -8.35 31.15 -16.49
N LEU D 145 -8.41 32.07 -15.53
CA LEU D 145 -8.18 31.71 -14.14
C LEU D 145 -9.22 30.71 -13.64
N ALA D 146 -10.49 30.97 -13.95
CA ALA D 146 -11.54 30.01 -13.58
C ALA D 146 -11.34 28.65 -14.23
N ARG D 147 -10.97 28.64 -15.50
CA ARG D 147 -10.75 27.39 -16.25
C ARG D 147 -9.58 26.63 -15.60
N CYS D 148 -8.51 27.36 -15.30
CA CYS D 148 -7.32 26.76 -14.71
C CYS D 148 -7.68 26.18 -13.34
N ILE D 149 -8.43 26.92 -12.53
CA ILE D 149 -8.80 26.43 -11.20
C ILE D 149 -9.62 25.11 -11.35
N GLN D 150 -10.64 25.10 -12.23
CA GLN D 150 -11.47 23.91 -12.41
C GLN D 150 -10.67 22.69 -12.92
N HIS D 151 -9.74 22.95 -13.85
CA HIS D 151 -8.81 21.91 -14.32
C HIS D 151 -8.00 21.35 -13.18
N GLU D 152 -7.45 22.23 -12.31
CA GLU D 152 -6.61 21.78 -11.18
C GLU D 152 -7.47 21.11 -10.09
N MET D 153 -8.67 21.64 -9.83
CA MET D 153 -9.56 20.95 -8.86
C MET D 153 -9.97 19.54 -9.36
N ASP D 154 -10.19 19.39 -10.66
CA ASP D 154 -10.38 18.07 -11.26
C ASP D 154 -9.22 17.12 -10.89
N HIS D 155 -7.98 17.55 -11.07
CA HIS D 155 -6.81 16.75 -10.68
C HIS D 155 -6.88 16.28 -9.22
N LEU D 156 -7.39 17.10 -8.29
CA LEU D 156 -7.46 16.68 -6.90
C LEU D 156 -8.52 15.59 -6.65
N ASN D 157 -9.48 15.47 -7.57
CA ASN D 157 -10.47 14.43 -7.54
C ASN D 157 -10.16 13.31 -8.53
N GLY D 158 -8.96 13.23 -9.05
CA GLY D 158 -8.63 12.12 -9.97
C GLY D 158 -9.29 12.18 -11.35
N VAL D 159 -9.63 13.38 -11.78
CA VAL D 159 -10.28 13.66 -13.03
C VAL D 159 -9.27 14.42 -13.90
N LEU D 160 -9.15 14.01 -15.15
CA LEU D 160 -8.26 14.65 -16.14
C LEU D 160 -9.09 15.20 -17.26
N PHE D 161 -8.57 16.20 -17.99
CA PHE D 161 -9.42 16.95 -18.92
C PHE D 161 -10.00 16.08 -20.06
N VAL D 162 -9.24 15.09 -20.48
CA VAL D 162 -9.68 14.12 -21.47
C VAL D 162 -10.99 13.42 -21.08
N ASP D 163 -11.28 13.33 -19.77
CA ASP D 163 -12.53 12.75 -19.27
C ASP D 163 -13.75 13.58 -19.62
N ARG D 164 -13.54 14.85 -19.92
CA ARG D 164 -14.64 15.78 -20.20
C ARG D 164 -14.83 16.06 -21.70
N VAL D 165 -13.90 15.59 -22.53
CA VAL D 165 -13.94 15.82 -23.99
C VAL D 165 -15.11 15.06 -24.64
N GLU D 166 -16.00 15.78 -25.33
CA GLU D 166 -17.21 15.15 -25.95
C GLU D 166 -16.93 14.45 -27.28
N ASN D 167 -16.09 15.04 -28.14
CA ASN D 167 -15.86 14.42 -29.44
C ASN D 167 -14.87 13.25 -29.32
N ARG D 168 -15.42 12.07 -29.31
CA ARG D 168 -14.70 10.83 -29.12
C ARG D 168 -13.65 10.54 -30.21
N LEU D 169 -13.99 10.77 -31.46
CA LEU D 169 -12.98 10.64 -32.54
C LEU D 169 -11.82 11.60 -32.40
N GLU D 170 -12.11 12.85 -32.05
CA GLU D 170 -11.03 13.82 -31.87
C GLU D 170 -10.17 13.40 -30.71
N LEU D 171 -10.81 12.98 -29.61
CA LEU D 171 -10.11 12.49 -28.43
C LEU D 171 -9.14 11.38 -28.82
N ASN D 172 -9.67 10.34 -29.48
CA ASN D 172 -8.87 9.16 -29.85
C ASN D 172 -7.67 9.50 -30.69
N GLU D 173 -7.94 10.38 -31.64
CA GLU D 173 -6.96 10.76 -32.61
C GLU D 173 -5.83 11.52 -31.95
N ALA D 174 -6.20 12.46 -31.09
CA ALA D 174 -5.22 13.29 -30.44
C ALA D 174 -4.36 12.46 -29.49
N LEU D 175 -4.97 11.56 -28.72
CA LEU D 175 -4.20 10.66 -27.85
C LEU D 175 -3.26 9.74 -28.66
N ASP D 176 -3.79 9.08 -29.68
CA ASP D 176 -2.99 8.22 -30.56
C ASP D 176 -1.76 8.95 -31.07
N LYS D 177 -1.95 10.17 -31.57
CA LYS D 177 -0.87 10.91 -32.22
C LYS D 177 0.30 11.11 -31.27
N LYS D 178 0.03 11.17 -29.96
CA LYS D 178 1.08 11.39 -29.00
C LYS D 178 1.44 10.12 -28.25
N GLY D 179 0.89 8.98 -28.65
CA GLY D 179 1.22 7.71 -28.02
C GLY D 179 0.62 7.51 -26.63
N PHE D 180 -0.62 7.95 -26.40
CA PHE D 180 -1.31 7.72 -25.13
C PHE D 180 -2.47 6.79 -25.43
N ALA D 181 -2.94 6.08 -24.40
CA ALA D 181 -4.04 5.15 -24.52
C ALA D 181 -5.38 5.81 -24.17
N VAL D 182 -6.33 5.66 -25.10
CA VAL D 182 -7.68 6.13 -24.88
C VAL D 182 -8.33 5.34 -23.75
N GLN D 183 -7.84 4.11 -23.54
CA GLN D 183 -8.23 3.25 -22.44
C GLN D 183 -8.01 3.88 -21.06
N ALA D 184 -7.05 4.80 -20.95
CA ALA D 184 -6.78 5.50 -19.67
C ALA D 184 -7.80 6.60 -19.32
N VAL D 185 -8.68 6.93 -20.25
CA VAL D 185 -9.69 7.98 -20.05
C VAL D 185 -10.81 7.40 -19.23
N ARG D 186 -11.45 8.24 -18.42
CA ARG D 186 -12.53 7.84 -17.52
C ARG D 186 -13.68 8.83 -17.74
N PRO D 187 -14.49 8.59 -18.77
CA PRO D 187 -15.45 9.66 -19.13
C PRO D 187 -16.37 9.97 -17.93
N VAL D 188 -16.74 11.26 -17.79
CA VAL D 188 -17.61 11.82 -16.73
C VAL D 188 -17.19 13.25 -16.40
#